data_3OG2
#
_entry.id   3OG2
#
_cell.length_a   67.300
_cell.length_b   69.100
_cell.length_c   81.500
_cell.angle_alpha   109.10
_cell.angle_beta   97.30
_cell.angle_gamma   114.50
#
_symmetry.space_group_name_H-M   'P 1'
#
loop_
_entity.id
_entity.type
_entity.pdbx_description
1 polymer Beta-galactosidase
2 branched alpha-D-mannopyranose-(1-2)-alpha-D-mannopyranose-(1-3)-alpha-D-mannopyranose-(1-6)-[alpha-D-mannopyranose-(1-3)]beta-D-mannopyranose-(1-4)-2-acetamido-2-deoxy-beta-D-glucopyranose-(1-4)-2-acetamido-2-deoxy-beta-D-glucopyranose
3 branched alpha-D-glucopyranose-(1-3)-alpha-D-glucopyranose-(1-3)-alpha-D-mannopyranose-(1-2)-alpha-D-mannopyranose-(1-2)-alpha-D-mannopyranose-(1-3)-[alpha-D-mannopyranose-(1-2)-alpha-D-mannopyranose-(1-6)-[alpha-D-mannopyranose-(1-3)]alpha-D-mannopyranose-(1-6)]beta-D-mannopyranose-(1-4)-2-acetamido-2-deoxy-beta-D-glucopyranose-(1-4)-2-acetamido-2-deoxy-beta-D-glucopyranose
4 branched 2-acetamido-2-deoxy-beta-D-glucopyranose-(1-4)-2-acetamido-2-deoxy-beta-D-glucopyranose
5 non-polymer 2-acetamido-2-deoxy-beta-D-glucopyranose
6 non-polymer GLYCEROL
7 water water
#
_entity_poly.entity_id   1
_entity_poly.type   'polypeptide(L)'
_entity_poly.pdbx_seq_one_letter_code
;TSIGLHGGRPRDIILDDAKGPLQNIVTWDEHSLFVHGERVVIFSGEVHPFRLPVPSLYLDVFHKIKALGFNTVSFYVDWA
LLEGKPGRFRADGIFSLEPFFEAATKAGIYLLARPGPYINAEVSGGGFPGWLQRVKGKLRTDAPDYLHATDNYVAHIASI
IAKAQITNGGPVILYQPENEYSGAAEGVLFPNKPYMQYVIDQARNAGIIVPLINNDAFPGGTGAPGTGLGSVDIYGHDGY
PLGFDCAHPSAWPDNGLPTTWRQDHLNISPSTPFSLVEFQGGAFDPFGGWGFEQCSALVNHEFERVFYKNNMAAGVTIFN
IYMTFGGTNWGNLGHPGGYTSYDYGASIREDRRIDREKYSELKLQGQFLKVSPGYITATPENATQGVYSDSQNIVITPLL
AKESGDFFVVRHANYSSTDTASYTVKLPTSAGDLTIPQLGGSLTLTGRDSKIHVTDYPVGKFTLLYSTAEIFTWNEFAEK
TVLVLYGGAQELHEFAVKNPFGSSKTAKAKKIEGSNVTIHTTSNLTVVLQWTASSARQVVQLGSLVIYMVDRNSAYNYWV
PTLPGSGKQSAYGSSLMNPDSVIINGGYLIRSVAIKGNALSVQADFNVTTPLEIIGIPKGISKLAVNGKELGYSVSELGD
WIAHPAIEIPHVQVPELTKLKWYKVDSLPEIRSNYDDSRWPLANLRTSNNTYAPLKTPVSLYGSDYGFHAGTLLFRGRFT
ARTARQQLFLSTQGGSAFASSVWLNDRFIGSFTGFDAASAANSSYTLDRLVRGRRYILTVVVDSTGLDENWTTGDDSMKA
PRGILDYALTSSSGANVSISWKLTGNLGGEDYRDVFRGPLNEGGLFFERQGFHLPSPPLSDFTHGPSSSSSSSSPLDGIA
HAGIAFYAAKLPLHLPAQEYDIPLSFVFDNATAAAPYRALLYVNGFQYGKYVSNIGPQTEFPVPEGILDYNGDNWIGVAL
WALESRGAKVPGLALKSKSPILTGRERVEVVKGPHFKKRHGAY
;
_entity_poly.pdbx_strand_id   A
#
loop_
_chem_comp.id
_chem_comp.type
_chem_comp.name
_chem_comp.formula
BMA D-saccharide, beta linking beta-D-mannopyranose 'C6 H12 O6'
GLC D-saccharide, alpha linking alpha-D-glucopyranose 'C6 H12 O6'
GOL non-polymer GLYCEROL 'C3 H8 O3'
MAN D-saccharide, alpha linking alpha-D-mannopyranose 'C6 H12 O6'
NAG D-saccharide, beta linking 2-acetamido-2-deoxy-beta-D-glucopyranose 'C8 H15 N O6'
#
# COMPACT_ATOMS: atom_id res chain seq x y z
N ALA A 18 20.96 16.54 -15.34
CA ALA A 18 19.71 16.67 -16.10
C ALA A 18 20.00 17.39 -17.40
N LYS A 19 19.86 16.75 -18.56
CA LYS A 19 20.16 17.13 -19.91
C LYS A 19 19.09 16.71 -20.91
N GLY A 20 17.85 16.66 -20.48
CA GLY A 20 16.79 16.44 -21.46
C GLY A 20 16.49 14.96 -21.55
N PRO A 21 15.49 14.61 -22.37
CA PRO A 21 15.09 13.21 -22.55
C PRO A 21 16.15 12.45 -23.32
N LEU A 22 16.26 11.17 -23.00
CA LEU A 22 17.20 10.28 -23.72
C LEU A 22 16.50 9.49 -24.83
N GLN A 23 15.20 9.65 -24.95
CA GLN A 23 14.32 8.93 -25.84
C GLN A 23 13.12 9.82 -26.12
N ASN A 24 12.29 9.46 -27.09
CA ASN A 24 11.18 10.40 -27.31
C ASN A 24 9.82 9.76 -27.04
N ILE A 25 9.77 8.64 -26.32
CA ILE A 25 8.50 8.02 -25.95
CA ILE A 25 8.47 8.06 -25.98
C ILE A 25 7.90 8.73 -24.74
N VAL A 26 8.73 8.98 -23.73
CA VAL A 26 8.29 9.66 -22.51
C VAL A 26 9.05 10.97 -22.39
N THR A 27 8.33 12.09 -22.57
CA THR A 27 8.97 13.38 -22.53
C THR A 27 8.16 14.28 -21.61
N TRP A 28 8.54 15.55 -21.47
CA TRP A 28 7.86 16.39 -20.48
C TRP A 28 8.06 17.85 -20.89
N ASP A 29 7.21 18.71 -20.33
CA ASP A 29 7.52 20.12 -20.30
C ASP A 29 7.00 20.73 -19.01
N GLU A 30 6.79 22.02 -18.94
CA GLU A 30 6.40 22.65 -17.69
C GLU A 30 5.05 22.13 -17.23
N HIS A 31 4.22 21.63 -18.16
CA HIS A 31 2.82 21.32 -17.77
C HIS A 31 2.56 19.86 -17.47
N SER A 32 3.22 18.96 -18.21
CA SER A 32 2.88 17.52 -18.07
C SER A 32 3.95 16.66 -18.67
N LEU A 33 3.87 15.38 -18.32
CA LEU A 33 4.45 14.34 -19.14
C LEU A 33 3.74 14.22 -20.46
N PHE A 34 4.44 13.69 -21.43
CA PHE A 34 3.89 13.21 -22.70
C PHE A 34 4.26 11.75 -22.84
N VAL A 35 3.31 10.92 -23.21
CA VAL A 35 3.56 9.52 -23.46
C VAL A 35 3.15 9.24 -24.91
N HIS A 36 4.08 8.79 -25.75
CA HIS A 36 3.82 8.63 -27.17
C HIS A 36 3.27 9.95 -27.75
N GLY A 37 3.76 11.10 -27.26
CA GLY A 37 3.37 12.37 -27.88
C GLY A 37 2.07 12.90 -27.32
N GLU A 38 1.42 12.25 -26.39
CA GLU A 38 0.14 12.66 -25.88
C GLU A 38 0.33 13.25 -24.48
N ARG A 39 -0.15 14.46 -24.24
CA ARG A 39 -0.13 14.96 -22.87
C ARG A 39 -1.02 14.11 -21.99
N VAL A 40 -0.61 13.87 -20.76
CA VAL A 40 -1.41 13.04 -19.85
CA VAL A 40 -1.45 13.08 -19.86
C VAL A 40 -1.28 13.59 -18.44
N VAL A 41 -2.33 13.44 -17.64
CA VAL A 41 -2.25 13.60 -16.20
C VAL A 41 -1.89 12.22 -15.68
N ILE A 42 -0.71 12.04 -15.10
CA ILE A 42 -0.36 10.75 -14.47
C ILE A 42 -1.03 10.72 -13.10
N PHE A 43 -1.92 9.76 -12.94
CA PHE A 43 -2.64 9.58 -11.66
C PHE A 43 -2.33 8.13 -11.30
N SER A 44 -1.57 7.94 -10.25
CA SER A 44 -0.90 6.70 -9.89
C SER A 44 -1.25 6.22 -8.51
N GLY A 45 -1.19 4.93 -8.33
CA GLY A 45 -1.41 4.36 -7.01
C GLY A 45 -0.19 3.54 -6.58
N GLU A 46 0.19 3.55 -5.34
CA GLU A 46 1.32 2.79 -4.87
C GLU A 46 0.90 1.34 -4.51
N VAL A 47 1.69 0.40 -5.03
CA VAL A 47 1.52 -1.05 -4.80
C VAL A 47 2.90 -1.65 -4.64
N HIS A 48 3.09 -2.50 -3.63
CA HIS A 48 4.44 -3.06 -3.41
C HIS A 48 4.38 -4.54 -3.71
N PRO A 49 4.99 -5.00 -4.79
CA PRO A 49 4.81 -6.40 -5.21
C PRO A 49 5.22 -7.37 -4.13
N PHE A 50 6.26 -7.02 -3.34
CA PHE A 50 6.70 -7.96 -2.33
C PHE A 50 5.77 -8.09 -1.14
N ARG A 51 4.76 -7.23 -1.05
CA ARG A 51 3.76 -7.33 0.04
C ARG A 51 2.53 -8.16 -0.36
N LEU A 52 2.57 -8.77 -1.56
CA LEU A 52 1.50 -9.65 -2.04
C LEU A 52 2.17 -10.77 -2.83
N PRO A 53 2.63 -11.82 -2.15
CA PRO A 53 3.42 -12.87 -2.82
C PRO A 53 2.53 -13.88 -3.50
N VAL A 54 1.60 -13.37 -4.29
CA VAL A 54 0.67 -14.24 -5.07
C VAL A 54 0.62 -13.65 -6.46
N PRO A 55 1.47 -14.15 -7.34
CA PRO A 55 1.60 -13.54 -8.66
C PRO A 55 0.29 -13.37 -9.42
N SER A 56 -0.59 -14.35 -9.28
CA SER A 56 -1.85 -14.24 -10.05
C SER A 56 -2.87 -13.25 -9.48
N LEU A 57 -2.56 -12.61 -8.33
CA LEU A 57 -3.42 -11.55 -7.82
C LEU A 57 -2.96 -10.15 -8.20
N TYR A 58 -1.78 -9.99 -8.81
CA TYR A 58 -1.45 -8.62 -9.22
C TYR A 58 -2.47 -8.05 -10.17
N LEU A 59 -3.01 -8.87 -11.09
CA LEU A 59 -3.99 -8.34 -12.04
C LEU A 59 -5.25 -7.92 -11.32
N ASP A 60 -5.63 -8.62 -10.25
CA ASP A 60 -6.78 -8.17 -9.45
C ASP A 60 -6.57 -6.77 -8.94
N VAL A 61 -5.41 -6.52 -8.33
CA VAL A 61 -5.23 -5.16 -7.81
CA VAL A 61 -5.11 -5.18 -7.82
C VAL A 61 -5.10 -4.20 -8.96
N PHE A 62 -4.46 -4.51 -10.08
CA PHE A 62 -4.39 -3.56 -11.20
CA PHE A 62 -4.40 -3.52 -11.16
C PHE A 62 -5.76 -3.28 -11.77
N HIS A 63 -6.65 -4.26 -11.86
CA HIS A 63 -7.99 -3.99 -12.33
C HIS A 63 -8.70 -2.96 -11.45
N LYS A 64 -8.49 -3.12 -10.12
CA LYS A 64 -9.16 -2.23 -9.15
C LYS A 64 -8.55 -0.83 -9.24
N ILE A 65 -7.27 -0.70 -9.53
CA ILE A 65 -6.68 0.65 -9.68
C ILE A 65 -7.06 1.25 -11.02
N LYS A 66 -7.03 0.48 -12.09
CA LYS A 66 -7.44 0.99 -13.40
C LYS A 66 -8.88 1.51 -13.35
N ALA A 67 -9.75 0.80 -12.60
CA ALA A 67 -11.13 1.22 -12.56
C ALA A 67 -11.30 2.56 -11.84
N LEU A 68 -10.37 3.01 -11.01
CA LEU A 68 -10.42 4.34 -10.42
C LEU A 68 -10.23 5.45 -11.47
N GLY A 69 -9.79 5.10 -12.67
CA GLY A 69 -9.41 6.10 -13.65
C GLY A 69 -7.91 6.36 -13.60
N PHE A 70 -7.18 5.60 -12.77
CA PHE A 70 -5.71 5.78 -12.73
C PHE A 70 -5.07 5.19 -13.99
N ASN A 71 -3.86 5.69 -14.31
CA ASN A 71 -3.15 5.14 -15.48
C ASN A 71 -1.82 4.53 -15.10
N THR A 72 -1.44 4.62 -13.82
CA THR A 72 -0.08 4.27 -13.39
C THR A 72 -0.11 3.64 -12.01
N VAL A 73 0.88 2.81 -11.79
CA VAL A 73 1.19 2.28 -10.46
C VAL A 73 2.66 2.59 -10.19
N SER A 74 2.91 2.98 -8.94
CA SER A 74 4.27 3.16 -8.44
C SER A 74 4.63 2.04 -7.49
N PHE A 75 5.85 1.51 -7.62
CA PHE A 75 6.20 0.37 -6.78
C PHE A 75 7.63 0.47 -6.28
N TYR A 76 7.84 -0.03 -5.07
CA TYR A 76 9.18 -0.23 -4.53
C TYR A 76 9.63 -1.64 -4.88
N VAL A 77 10.96 -1.81 -4.83
CA VAL A 77 11.58 -3.15 -4.76
C VAL A 77 12.36 -3.19 -3.47
N ASP A 78 12.27 -4.29 -2.71
CA ASP A 78 12.93 -4.41 -1.41
C ASP A 78 14.19 -5.23 -1.57
N TRP A 79 15.35 -4.55 -1.52
CA TRP A 79 16.66 -5.19 -1.72
C TRP A 79 16.84 -6.34 -0.72
N ALA A 80 16.44 -6.15 0.52
CA ALA A 80 16.68 -7.15 1.58
C ALA A 80 16.07 -8.52 1.20
N LEU A 81 15.02 -8.54 0.36
CA LEU A 81 14.45 -9.84 -0.06
C LEU A 81 15.18 -10.47 -1.24
N LEU A 82 15.89 -9.63 -2.01
CA LEU A 82 16.50 -10.13 -3.26
C LEU A 82 17.97 -10.38 -3.16
N GLU A 83 18.64 -9.92 -2.11
CA GLU A 83 20.07 -10.20 -1.95
C GLU A 83 20.34 -10.52 -0.49
N GLY A 84 19.57 -11.49 0.02
CA GLY A 84 19.75 -11.88 1.42
C GLY A 84 21.16 -12.40 1.69
N LYS A 85 21.80 -13.04 0.71
CA LYS A 85 23.21 -13.40 0.82
C LYS A 85 24.04 -12.45 -0.02
N PRO A 86 25.00 -11.77 0.55
CA PRO A 86 25.74 -10.78 -0.22
C PRO A 86 26.36 -11.45 -1.45
N GLY A 87 26.18 -10.83 -2.61
CA GLY A 87 26.74 -11.36 -3.84
C GLY A 87 25.81 -12.30 -4.57
N ARG A 88 24.66 -12.62 -4.01
CA ARG A 88 23.74 -13.59 -4.67
C ARG A 88 22.39 -12.97 -4.85
N PHE A 89 22.21 -12.23 -5.96
CA PHE A 89 20.93 -11.64 -6.24
C PHE A 89 20.01 -12.76 -6.70
N ARG A 90 18.79 -12.76 -6.18
CA ARG A 90 17.81 -13.79 -6.54
C ARG A 90 16.44 -13.12 -6.61
N ALA A 91 15.81 -13.09 -7.78
CA ALA A 91 14.46 -12.51 -7.92
C ALA A 91 13.62 -13.50 -8.74
N ASP A 92 13.42 -14.68 -8.11
CA ASP A 92 12.71 -15.74 -8.77
C ASP A 92 11.40 -16.05 -8.08
N GLY A 93 10.49 -16.77 -8.77
CA GLY A 93 9.28 -17.20 -8.07
C GLY A 93 8.48 -16.03 -7.57
N ILE A 94 8.10 -16.06 -6.29
CA ILE A 94 7.26 -14.97 -5.75
C ILE A 94 8.04 -13.65 -5.72
N PHE A 95 9.36 -13.68 -5.90
CA PHE A 95 10.17 -12.45 -5.88
C PHE A 95 10.42 -11.92 -7.29
N SER A 96 10.02 -12.65 -8.33
CA SER A 96 10.15 -12.10 -9.68
C SER A 96 9.20 -10.94 -9.92
N LEU A 97 9.68 -9.91 -10.62
CA LEU A 97 8.80 -8.84 -11.03
C LEU A 97 8.08 -9.13 -12.32
N GLU A 98 8.44 -10.20 -13.01
CA GLU A 98 7.86 -10.40 -14.34
CA GLU A 98 7.87 -10.44 -14.32
C GLU A 98 6.34 -10.54 -14.28
N PRO A 99 5.75 -11.27 -13.33
CA PRO A 99 4.27 -11.28 -13.32
C PRO A 99 3.64 -9.94 -13.01
N PHE A 100 4.35 -9.08 -12.28
CA PHE A 100 3.89 -7.75 -11.96
C PHE A 100 3.90 -6.92 -13.26
N PHE A 101 5.02 -6.94 -14.00
CA PHE A 101 5.06 -6.25 -15.29
C PHE A 101 3.99 -6.75 -16.26
N GLU A 102 3.85 -8.09 -16.31
CA GLU A 102 2.85 -8.66 -17.22
C GLU A 102 1.45 -8.24 -16.86
N ALA A 103 1.16 -8.21 -15.56
CA ALA A 103 -0.18 -7.79 -15.15
C ALA A 103 -0.40 -6.31 -15.50
N ALA A 104 0.62 -5.48 -15.37
CA ALA A 104 0.48 -4.06 -15.72
C ALA A 104 0.11 -3.93 -17.20
N THR A 105 0.88 -4.66 -18.02
CA THR A 105 0.55 -4.63 -19.49
C THR A 105 -0.87 -5.14 -19.74
N LYS A 106 -1.27 -6.20 -19.06
CA LYS A 106 -2.60 -6.76 -19.30
C LYS A 106 -3.73 -5.82 -18.83
N ALA A 107 -3.44 -5.03 -17.80
CA ALA A 107 -4.45 -4.12 -17.26
C ALA A 107 -4.43 -2.80 -17.99
N GLY A 108 -3.38 -2.51 -18.76
CA GLY A 108 -3.24 -1.21 -19.38
C GLY A 108 -2.79 -0.14 -18.38
N ILE A 109 -1.84 -0.46 -17.54
CA ILE A 109 -1.27 0.43 -16.53
C ILE A 109 0.21 0.61 -16.80
N TYR A 110 0.68 1.86 -16.68
CA TYR A 110 2.11 2.14 -16.75
C TYR A 110 2.70 2.11 -15.33
N LEU A 111 4.04 2.06 -15.25
CA LEU A 111 4.68 1.92 -13.94
C LEU A 111 5.78 2.95 -13.72
N LEU A 112 5.82 3.42 -12.47
CA LEU A 112 6.93 4.18 -11.89
C LEU A 112 7.71 3.22 -11.00
N ALA A 113 8.94 2.90 -11.41
CA ALA A 113 9.76 1.94 -10.68
C ALA A 113 10.64 2.65 -9.67
N ARG A 114 10.62 2.15 -8.43
CA ARG A 114 11.37 2.84 -7.33
C ARG A 114 12.17 1.78 -6.61
N PRO A 115 13.32 1.36 -7.15
CA PRO A 115 14.02 0.24 -6.57
C PRO A 115 15.00 0.58 -5.44
N GLY A 116 15.09 1.83 -5.06
CA GLY A 116 15.97 2.25 -4.01
C GLY A 116 17.36 2.59 -4.51
N PRO A 117 18.45 2.01 -3.99
CA PRO A 117 18.50 0.92 -3.03
C PRO A 117 17.84 1.12 -1.68
N TYR A 118 17.81 2.34 -1.17
CA TYR A 118 17.07 2.66 0.05
C TYR A 118 15.63 3.00 -0.34
N ILE A 119 14.64 2.34 0.30
CA ILE A 119 13.24 2.64 0.00
C ILE A 119 12.44 3.12 1.22
N ASN A 120 12.94 2.94 2.43
CA ASN A 120 12.19 3.32 3.66
C ASN A 120 10.98 2.38 3.75
N ALA A 121 9.78 2.82 3.40
CA ALA A 121 8.67 1.92 3.10
C ALA A 121 8.11 1.16 4.27
N GLU A 122 8.53 1.51 5.48
CA GLU A 122 8.15 0.75 6.69
C GLU A 122 8.49 -0.75 6.58
N VAL A 123 9.58 -1.03 5.83
CA VAL A 123 10.10 -2.39 5.72
C VAL A 123 11.38 -2.49 6.55
N SER A 124 11.72 -3.75 6.90
CA SER A 124 12.92 -3.98 7.71
C SER A 124 14.14 -3.36 6.99
N GLY A 125 14.92 -2.60 7.74
CA GLY A 125 16.15 -1.93 7.29
C GLY A 125 15.85 -0.81 6.31
N GLY A 126 14.59 -0.42 6.08
CA GLY A 126 14.26 0.46 5.00
C GLY A 126 14.69 -0.10 3.63
N GLY A 127 14.78 -1.41 3.53
CA GLY A 127 15.18 -2.08 2.30
C GLY A 127 16.61 -2.60 2.39
N PHE A 128 17.43 -2.05 3.29
CA PHE A 128 18.81 -2.48 3.36
C PHE A 128 18.91 -3.89 3.96
N PRO A 129 19.60 -4.82 3.31
CA PRO A 129 19.82 -6.13 3.94
C PRO A 129 20.62 -5.97 5.24
N GLY A 130 20.37 -6.87 6.20
CA GLY A 130 21.01 -6.75 7.52
C GLY A 130 22.53 -6.86 7.46
N TRP A 131 23.09 -7.47 6.38
CA TRP A 131 24.55 -7.48 6.29
C TRP A 131 25.15 -6.11 6.07
N LEU A 132 24.36 -5.07 5.80
CA LEU A 132 24.95 -3.72 5.80
C LEU A 132 25.31 -3.29 7.20
N GLN A 133 24.84 -3.98 8.28
CA GLN A 133 25.38 -3.67 9.59
C GLN A 133 26.88 -3.96 9.69
N ARG A 134 27.43 -4.77 8.78
CA ARG A 134 28.83 -5.07 8.79
C ARG A 134 29.63 -4.16 7.86
N VAL A 135 28.99 -3.15 7.28
CA VAL A 135 29.70 -2.15 6.45
C VAL A 135 30.03 -0.97 7.32
N LYS A 136 31.33 -0.66 7.42
CA LYS A 136 31.72 0.41 8.36
C LYS A 136 31.26 1.78 7.94
N GLY A 137 31.29 2.08 6.65
CA GLY A 137 31.01 3.45 6.22
C GLY A 137 29.57 3.86 6.43
N LYS A 138 29.35 5.18 6.38
CA LYS A 138 28.00 5.68 6.56
CA LYS A 138 28.00 5.68 6.55
C LYS A 138 27.09 5.35 5.36
N LEU A 139 25.91 4.84 5.69
CA LEU A 139 24.97 4.44 4.65
C LEU A 139 24.40 5.64 3.94
N ARG A 140 24.08 5.50 2.65
CA ARG A 140 23.49 6.56 1.83
C ARG A 140 24.46 7.73 1.74
N THR A 141 25.75 7.41 1.69
CA THR A 141 26.79 8.40 1.35
C THR A 141 27.71 7.79 0.31
N ASP A 142 28.69 8.59 -0.14
CA ASP A 142 29.63 7.93 -1.11
C ASP A 142 30.78 7.22 -0.41
N ALA A 143 30.64 6.81 0.84
CA ALA A 143 31.60 5.89 1.46
C ALA A 143 31.68 4.70 0.52
N PRO A 144 32.85 4.34 0.03
CA PRO A 144 32.92 3.35 -1.05
C PRO A 144 32.50 1.97 -0.61
N ASP A 145 32.63 1.64 0.69
CA ASP A 145 32.15 0.29 1.08
C ASP A 145 30.64 0.20 0.99
N TYR A 146 29.92 1.28 1.30
CA TYR A 146 28.46 1.35 1.09
C TYR A 146 28.17 1.32 -0.40
N LEU A 147 28.79 2.22 -1.18
CA LEU A 147 28.45 2.32 -2.61
C LEU A 147 28.63 0.98 -3.29
N HIS A 148 29.81 0.36 -3.02
CA HIS A 148 30.08 -0.86 -3.76
C HIS A 148 29.23 -2.00 -3.22
N ALA A 149 28.75 -1.94 -1.96
CA ALA A 149 27.79 -2.93 -1.46
C ALA A 149 26.47 -2.89 -2.24
N THR A 150 26.13 -1.74 -2.85
CA THR A 150 24.85 -1.61 -3.58
C THR A 150 24.95 -2.02 -5.06
N ASP A 151 26.19 -2.16 -5.55
CA ASP A 151 26.36 -2.26 -7.01
C ASP A 151 25.70 -3.49 -7.59
N ASN A 152 25.86 -4.65 -6.99
CA ASN A 152 25.30 -5.87 -7.57
C ASN A 152 23.79 -5.78 -7.60
N TYR A 153 23.16 -5.31 -6.54
CA TYR A 153 21.70 -5.20 -6.54
C TYR A 153 21.26 -4.24 -7.60
N VAL A 154 21.87 -3.06 -7.70
CA VAL A 154 21.33 -2.11 -8.70
C VAL A 154 21.56 -2.60 -10.09
N ALA A 155 22.72 -3.21 -10.36
CA ALA A 155 22.98 -3.71 -11.70
C ALA A 155 21.91 -4.72 -12.10
N HIS A 156 21.54 -5.61 -11.18
CA HIS A 156 20.55 -6.62 -11.50
C HIS A 156 19.15 -6.03 -11.59
N ILE A 157 18.71 -5.27 -10.56
CA ILE A 157 17.32 -4.83 -10.58
C ILE A 157 17.09 -3.76 -11.64
N ALA A 158 18.05 -2.87 -11.89
CA ALA A 158 17.83 -1.84 -12.89
C ALA A 158 17.89 -2.47 -14.24
N SER A 159 18.61 -3.57 -14.46
CA SER A 159 18.55 -4.26 -15.75
CA SER A 159 18.56 -4.29 -15.72
CA SER A 159 18.52 -4.19 -15.80
C SER A 159 17.19 -4.91 -15.99
N ILE A 160 16.63 -5.52 -14.91
CA ILE A 160 15.27 -6.08 -14.99
C ILE A 160 14.27 -4.99 -15.33
N ILE A 161 14.36 -3.86 -14.64
CA ILE A 161 13.43 -2.75 -14.92
CA ILE A 161 13.41 -2.78 -14.94
C ILE A 161 13.66 -2.23 -16.33
N ALA A 162 14.95 -2.17 -16.76
CA ALA A 162 15.26 -1.62 -18.07
C ALA A 162 14.54 -2.42 -19.16
N LYS A 163 14.50 -3.75 -19.03
CA LYS A 163 13.85 -4.58 -20.06
C LYS A 163 12.35 -4.30 -20.12
N ALA A 164 11.80 -3.83 -19.02
CA ALA A 164 10.34 -3.58 -18.93
C ALA A 164 10.01 -2.15 -19.31
N GLN A 165 10.97 -1.33 -19.76
CA GLN A 165 10.63 0.04 -20.17
C GLN A 165 9.73 0.08 -21.38
N ILE A 166 8.96 1.19 -21.42
CA ILE A 166 8.07 1.46 -22.53
C ILE A 166 8.82 1.52 -23.88
N THR A 167 10.13 1.86 -23.84
CA THR A 167 10.96 1.91 -25.06
C THR A 167 11.21 0.50 -25.58
N ASN A 168 10.96 -0.53 -24.80
CA ASN A 168 11.08 -1.94 -25.17
C ASN A 168 9.71 -2.62 -25.22
N GLY A 169 8.62 -1.88 -25.22
CA GLY A 169 7.30 -2.51 -25.27
C GLY A 169 6.75 -2.90 -23.92
N GLY A 170 7.33 -2.40 -22.83
CA GLY A 170 6.89 -2.74 -21.47
C GLY A 170 6.20 -1.53 -20.84
N PRO A 171 5.80 -1.75 -19.59
CA PRO A 171 5.00 -0.74 -18.88
C PRO A 171 5.76 0.36 -18.18
N VAL A 172 7.07 0.26 -17.99
CA VAL A 172 7.77 1.24 -17.13
C VAL A 172 8.03 2.55 -17.86
N ILE A 173 7.53 3.65 -17.28
CA ILE A 173 7.69 4.96 -17.91
C ILE A 173 8.57 5.93 -17.14
N LEU A 174 8.85 5.65 -15.87
CA LEU A 174 9.58 6.58 -15.00
C LEU A 174 10.37 5.73 -13.99
N TYR A 175 11.52 6.27 -13.56
CA TYR A 175 12.35 5.62 -12.58
C TYR A 175 12.75 6.60 -11.50
N GLN A 176 12.65 6.15 -10.24
CA GLN A 176 13.11 6.99 -9.11
C GLN A 176 14.37 6.37 -8.54
N PRO A 177 15.47 7.10 -8.51
CA PRO A 177 16.67 6.68 -7.82
C PRO A 177 16.61 7.15 -6.35
N GLU A 178 17.07 6.30 -5.40
CA GLU A 178 17.12 6.74 -3.98
C GLU A 178 15.69 6.94 -3.46
N ASN A 179 15.53 7.57 -2.31
CA ASN A 179 14.18 7.75 -1.75
C ASN A 179 14.24 8.84 -0.70
N GLU A 180 13.54 9.95 -0.91
CA GLU A 180 13.49 11.02 0.08
C GLU A 180 14.90 11.38 0.59
N TYR A 181 15.76 11.62 -0.39
CA TYR A 181 17.13 12.09 -0.07
C TYR A 181 17.05 13.57 0.23
N SER A 182 16.76 13.90 1.50
CA SER A 182 16.21 15.23 1.77
C SER A 182 16.84 15.97 2.93
N GLY A 183 17.70 15.33 3.66
CA GLY A 183 18.51 16.00 4.66
C GLY A 183 19.46 14.99 5.30
N ALA A 184 20.29 15.52 6.19
CA ALA A 184 21.30 14.62 6.79
C ALA A 184 21.60 15.05 8.21
N ALA A 185 22.32 14.19 8.91
CA ALA A 185 22.73 14.47 10.28
C ALA A 185 23.72 15.63 10.32
N GLU A 186 23.86 16.20 11.51
CA GLU A 186 24.71 17.39 11.68
C GLU A 186 26.12 17.07 11.20
N GLY A 187 26.79 17.91 10.44
CA GLY A 187 28.21 17.62 10.09
C GLY A 187 28.34 16.79 8.82
N VAL A 188 27.26 16.21 8.29
CA VAL A 188 27.37 15.35 7.14
C VAL A 188 27.07 16.13 5.88
N LEU A 189 27.95 15.99 4.88
CA LEU A 189 27.76 16.67 3.59
C LEU A 189 26.37 16.43 3.01
N PHE A 190 25.65 17.53 2.80
CA PHE A 190 24.32 17.38 2.20
C PHE A 190 23.94 18.63 1.45
N PRO A 191 23.33 18.55 0.26
CA PRO A 191 23.26 17.35 -0.59
C PRO A 191 24.63 16.89 -1.04
N ASN A 192 24.89 15.58 -0.99
CA ASN A 192 26.18 15.04 -1.45
C ASN A 192 26.06 14.76 -2.95
N LYS A 193 26.42 15.74 -3.79
CA LYS A 193 26.17 15.58 -5.22
C LYS A 193 26.97 14.43 -5.87
N PRO A 194 28.20 14.17 -5.51
CA PRO A 194 28.84 12.97 -6.01
C PRO A 194 28.07 11.71 -5.65
N TYR A 195 27.53 11.61 -4.44
CA TYR A 195 26.71 10.46 -4.06
C TYR A 195 25.49 10.35 -4.95
N MET A 196 24.80 11.48 -5.10
CA MET A 196 23.57 11.46 -5.92
C MET A 196 23.84 11.04 -7.34
N GLN A 197 24.95 11.58 -7.91
CA GLN A 197 25.26 11.21 -9.28
C GLN A 197 25.70 9.76 -9.40
N TYR A 198 26.41 9.21 -8.38
CA TYR A 198 26.76 7.78 -8.46
C TYR A 198 25.47 6.97 -8.58
N VAL A 199 24.45 7.31 -7.76
CA VAL A 199 23.20 6.52 -7.76
C VAL A 199 22.54 6.60 -9.12
N ILE A 200 22.54 7.84 -9.72
CA ILE A 200 22.01 7.97 -11.08
C ILE A 200 22.80 7.15 -12.10
N ASP A 201 24.13 7.25 -12.02
CA ASP A 201 24.98 6.53 -12.95
C ASP A 201 24.72 5.02 -12.89
N GLN A 202 24.48 4.49 -11.68
CA GLN A 202 24.23 3.03 -11.64
C GLN A 202 23.02 2.66 -12.50
N ALA A 203 21.96 3.51 -12.38
CA ALA A 203 20.73 3.20 -13.13
C ALA A 203 20.97 3.40 -14.61
N ARG A 204 21.62 4.52 -15.03
CA ARG A 204 21.87 4.76 -16.46
C ARG A 204 22.74 3.64 -17.03
N ASN A 205 23.75 3.22 -16.26
CA ASN A 205 24.69 2.19 -16.73
C ASN A 205 23.96 0.87 -16.94
N ALA A 206 22.88 0.64 -16.20
CA ALA A 206 22.12 -0.63 -16.35
C ALA A 206 21.06 -0.54 -17.44
N GLY A 207 21.00 0.59 -18.17
CA GLY A 207 20.12 0.71 -19.29
C GLY A 207 18.85 1.52 -19.09
N ILE A 208 18.71 2.19 -17.94
CA ILE A 208 17.52 2.98 -17.72
C ILE A 208 17.63 4.23 -18.59
N ILE A 209 16.68 4.41 -19.52
CA ILE A 209 16.71 5.58 -20.41
C ILE A 209 15.44 6.41 -20.26
N VAL A 210 14.41 5.94 -19.49
CA VAL A 210 13.25 6.75 -19.22
C VAL A 210 13.63 7.86 -18.27
N PRO A 211 12.76 8.85 -18.10
CA PRO A 211 13.13 9.96 -17.22
C PRO A 211 13.26 9.50 -15.78
N LEU A 212 14.19 10.22 -15.11
CA LEU A 212 14.41 10.00 -13.66
C LEU A 212 13.65 11.07 -12.88
N ILE A 213 12.91 10.63 -11.90
CA ILE A 213 12.12 11.52 -11.03
C ILE A 213 12.50 11.22 -9.61
N ASN A 214 12.62 12.28 -8.79
CA ASN A 214 12.93 12.02 -7.38
C ASN A 214 11.72 12.34 -6.51
N ASN A 215 11.92 12.14 -5.19
CA ASN A 215 10.84 12.33 -4.26
C ASN A 215 11.33 12.95 -2.98
N ASP A 216 11.68 14.21 -3.07
CA ASP A 216 12.09 14.98 -1.91
C ASP A 216 11.01 14.89 -0.83
N ALA A 217 11.40 14.71 0.45
CA ALA A 217 10.40 14.56 1.49
C ALA A 217 9.50 15.77 1.66
N PHE A 218 10.06 16.93 1.32
CA PHE A 218 9.37 18.21 1.37
C PHE A 218 9.94 19.00 0.22
N PRO A 219 9.38 20.17 -0.11
CA PRO A 219 9.94 20.95 -1.23
C PRO A 219 11.24 21.65 -0.85
N GLY A 220 12.32 20.88 -0.71
CA GLY A 220 13.62 21.40 -0.33
C GLY A 220 14.50 21.69 -1.54
N GLY A 221 14.10 21.33 -2.74
CA GLY A 221 14.88 21.60 -3.95
C GLY A 221 15.99 20.57 -4.23
N THR A 222 16.16 19.56 -3.41
CA THR A 222 17.32 18.66 -3.60
C THR A 222 17.17 17.87 -4.87
N GLY A 223 18.20 17.89 -5.72
CA GLY A 223 18.25 17.08 -6.93
C GLY A 223 17.47 17.74 -8.05
N ALA A 224 16.88 18.92 -7.91
CA ALA A 224 16.11 19.51 -8.97
C ALA A 224 16.94 19.82 -10.17
N PRO A 225 16.31 19.83 -11.36
CA PRO A 225 16.98 20.40 -12.54
C PRO A 225 17.54 21.77 -12.23
N GLY A 226 18.77 22.04 -12.70
CA GLY A 226 19.41 23.30 -12.40
C GLY A 226 20.40 23.16 -11.24
N THR A 227 20.39 22.06 -10.48
CA THR A 227 21.33 21.96 -9.39
C THR A 227 22.61 21.23 -9.79
N GLY A 228 22.80 20.92 -11.07
CA GLY A 228 24.07 20.42 -11.52
C GLY A 228 24.24 18.92 -11.29
N LEU A 229 25.42 18.62 -10.71
CA LEU A 229 25.76 17.22 -10.48
C LEU A 229 24.73 16.57 -9.58
N GLY A 230 24.26 15.38 -9.96
CA GLY A 230 23.28 14.67 -9.14
C GLY A 230 21.82 15.02 -9.38
N SER A 231 21.55 15.94 -10.33
CA SER A 231 20.18 16.32 -10.62
C SER A 231 19.45 15.27 -11.45
N VAL A 232 18.15 15.14 -11.14
CA VAL A 232 17.28 14.25 -11.93
C VAL A 232 16.58 15.04 -13.02
N ASP A 233 15.72 14.35 -13.77
CA ASP A 233 15.02 14.99 -14.89
C ASP A 233 13.80 15.78 -14.44
N ILE A 234 13.04 15.18 -13.53
CA ILE A 234 11.78 15.79 -13.08
C ILE A 234 11.86 15.85 -11.56
N TYR A 235 11.72 17.04 -10.98
CA TYR A 235 11.76 17.18 -9.54
C TYR A 235 10.41 16.75 -8.95
N GLY A 236 10.43 15.81 -8.02
CA GLY A 236 9.22 15.36 -7.34
C GLY A 236 9.39 15.62 -5.82
N HIS A 237 8.23 15.77 -5.15
CA HIS A 237 8.30 15.77 -3.71
C HIS A 237 7.05 15.10 -3.15
N ASP A 238 7.08 14.92 -1.84
CA ASP A 238 6.03 14.13 -1.16
C ASP A 238 5.22 14.99 -0.21
N GLY A 239 4.14 14.44 0.30
CA GLY A 239 3.39 15.18 1.33
C GLY A 239 2.46 14.28 2.09
N TYR A 240 2.49 14.36 3.42
CA TYR A 240 1.58 13.63 4.29
C TYR A 240 1.00 14.64 5.30
N PRO A 241 0.19 15.56 4.80
CA PRO A 241 -0.16 16.73 5.62
C PRO A 241 -1.01 16.41 6.80
N LEU A 242 -1.90 15.46 6.51
N LEU A 242 -1.57 15.23 7.08
CA LEU A 242 -2.99 15.23 7.46
CA LEU A 242 -2.15 14.95 8.40
C LEU A 242 -2.34 14.60 8.70
C LEU A 242 -1.34 14.01 9.26
N GLY A 243 -1.18 13.97 8.48
N GLY A 243 -0.18 13.53 8.82
CA GLY A 243 -0.45 13.39 9.56
CA GLY A 243 0.68 12.74 9.71
C GLY A 243 -1.02 12.01 9.88
C GLY A 243 0.23 11.30 9.88
N PHE A 244 -0.50 11.46 10.97
N PHE A 244 0.78 10.57 10.85
CA PHE A 244 -0.74 10.05 11.30
CA PHE A 244 0.61 9.12 10.95
C PHE A 244 -1.36 9.92 12.67
C PHE A 244 0.04 8.58 12.25
N ASP A 245 -2.01 10.96 13.17
N ASP A 245 -0.28 9.52 13.13
CA ASP A 245 -2.66 10.81 14.46
CA ASP A 245 -1.00 9.26 14.36
C ASP A 245 -4.04 10.17 14.35
C ASP A 245 -2.52 9.32 14.07
N CYS A 246 -4.03 8.87 14.05
N CYS A 246 -3.19 8.21 14.28
CA CYS A 246 -5.16 7.95 13.95
CA CYS A 246 -4.57 7.93 13.98
C CYS A 246 -5.82 7.90 15.34
C CYS A 246 -5.52 8.02 15.18
N ALA A 247 -5.15 8.37 16.41
CA ALA A 247 -5.85 8.52 17.66
C ALA A 247 -7.08 9.43 17.56
N HIS A 248 -7.08 10.42 16.70
CA HIS A 248 -8.16 11.39 16.61
C HIS A 248 -8.58 11.59 15.18
N PRO A 249 -9.30 10.63 14.64
CA PRO A 249 -9.59 10.57 13.20
C PRO A 249 -10.45 11.70 12.67
N SER A 250 -11.13 12.45 13.52
CA SER A 250 -11.90 13.57 13.01
CA SER A 250 -11.91 13.59 13.07
C SER A 250 -11.11 14.88 13.14
N ALA A 251 -9.93 14.89 13.71
CA ALA A 251 -9.20 16.14 13.90
C ALA A 251 -8.30 16.42 12.69
N TRP A 252 -8.55 17.58 12.08
CA TRP A 252 -7.81 18.16 10.99
C TRP A 252 -7.22 19.45 11.54
N PRO A 253 -5.98 19.42 11.90
CA PRO A 253 -5.40 20.56 12.63
C PRO A 253 -5.22 21.81 11.76
N ASP A 254 -5.24 22.91 12.50
CA ASP A 254 -4.98 24.20 11.90
C ASP A 254 -3.67 24.10 11.12
N ASN A 255 -3.68 24.74 9.98
CA ASN A 255 -2.53 24.81 9.10
C ASN A 255 -2.18 23.47 8.49
N GLY A 256 -2.98 22.45 8.58
CA GLY A 256 -2.62 21.14 7.94
C GLY A 256 -2.75 21.17 6.44
N LEU A 257 -3.56 22.05 5.81
CA LEU A 257 -3.70 22.01 4.36
C LEU A 257 -2.49 22.63 3.71
N PRO A 258 -1.83 21.98 2.77
CA PRO A 258 -0.71 22.66 2.08
C PRO A 258 -1.14 23.84 1.23
N THR A 259 -0.52 24.99 1.45
CA THR A 259 -0.97 26.16 0.70
C THR A 259 0.18 26.76 -0.11
N THR A 260 1.37 26.16 -0.13
CA THR A 260 2.51 26.81 -0.79
C THR A 260 3.05 26.08 -1.97
N TRP A 261 2.45 24.94 -2.37
CA TRP A 261 3.16 24.07 -3.30
C TRP A 261 3.21 24.62 -4.73
N ARG A 262 2.20 25.36 -5.17
CA ARG A 262 2.31 25.93 -6.53
C ARG A 262 3.52 26.85 -6.59
N GLN A 263 3.62 27.78 -5.63
CA GLN A 263 4.78 28.71 -5.60
C GLN A 263 6.08 27.97 -5.35
N ASP A 264 6.09 26.99 -4.45
CA ASP A 264 7.33 26.22 -4.26
C ASP A 264 7.74 25.58 -5.58
N HIS A 265 6.79 25.08 -6.35
CA HIS A 265 7.10 24.42 -7.62
C HIS A 265 7.73 25.41 -8.58
N LEU A 266 7.14 26.60 -8.69
CA LEU A 266 7.72 27.63 -9.54
C LEU A 266 9.09 28.05 -9.06
N ASN A 267 9.34 28.02 -7.75
CA ASN A 267 10.64 28.45 -7.24
C ASN A 267 11.70 27.39 -7.52
N ILE A 268 11.34 26.13 -7.47
CA ILE A 268 12.29 25.02 -7.50
C ILE A 268 12.47 24.47 -8.92
N SER A 269 11.42 24.15 -9.65
CA SER A 269 11.62 23.42 -10.92
C SER A 269 10.53 23.80 -11.90
N PRO A 270 10.48 25.07 -12.32
CA PRO A 270 9.36 25.52 -13.18
C PRO A 270 9.36 24.86 -14.57
N SER A 271 10.46 24.22 -14.95
CA SER A 271 10.56 23.63 -16.29
C SER A 271 9.96 22.21 -16.36
N THR A 272 9.55 21.65 -15.19
CA THR A 272 9.08 20.25 -15.19
C THR A 272 7.72 20.17 -14.53
N PRO A 273 6.99 19.09 -14.77
CA PRO A 273 5.61 19.05 -14.23
C PRO A 273 5.55 19.01 -12.74
N PHE A 274 4.58 19.70 -12.18
CA PHE A 274 4.38 19.60 -10.73
C PHE A 274 4.00 18.17 -10.35
N SER A 275 4.88 17.55 -9.55
CA SER A 275 4.81 16.12 -9.26
C SER A 275 4.83 15.81 -7.77
N LEU A 276 3.79 15.12 -7.32
CA LEU A 276 3.69 14.64 -5.96
C LEU A 276 3.90 13.13 -6.08
N VAL A 277 5.13 12.72 -5.84
CA VAL A 277 5.51 11.31 -6.07
C VAL A 277 4.97 10.43 -4.96
N GLU A 278 4.73 10.97 -3.75
CA GLU A 278 3.96 10.27 -2.72
C GLU A 278 3.05 11.30 -2.07
N PHE A 279 1.74 11.08 -2.17
CA PHE A 279 0.81 11.92 -1.42
C PHE A 279 -0.05 10.99 -0.56
N GLN A 280 -0.31 11.41 0.67
CA GLN A 280 -1.02 10.59 1.65
C GLN A 280 -2.29 9.94 1.14
N GLY A 281 -2.29 8.60 1.26
CA GLY A 281 -3.45 7.76 0.99
C GLY A 281 -3.85 6.94 2.21
N GLY A 282 -3.21 7.13 3.33
CA GLY A 282 -3.55 6.39 4.54
C GLY A 282 -2.52 6.79 5.59
N ALA A 283 -2.28 5.86 6.51
CA ALA A 283 -1.26 6.08 7.54
C ALA A 283 -0.69 4.73 7.92
N PHE A 284 0.60 4.68 8.31
N PHE A 284 0.58 4.71 8.30
CA PHE A 284 1.07 3.46 8.96
CA PHE A 284 1.11 3.55 9.00
C PHE A 284 0.57 3.49 10.41
C PHE A 284 0.44 3.43 10.37
N ASP A 285 0.74 2.37 11.11
CA ASP A 285 0.23 2.23 12.48
C ASP A 285 1.28 1.42 13.25
N PRO A 286 1.75 1.83 14.39
CA PRO A 286 2.77 1.10 15.15
C PRO A 286 2.17 -0.03 15.98
N PHE A 287 3.06 -0.90 16.44
CA PHE A 287 2.64 -1.74 17.55
C PHE A 287 2.04 -0.83 18.66
N GLY A 288 1.01 -1.33 19.32
CA GLY A 288 0.28 -0.55 20.34
C GLY A 288 -0.52 0.60 19.72
N GLY A 289 -0.75 0.57 18.41
CA GLY A 289 -1.45 1.62 17.70
C GLY A 289 -2.93 1.49 17.76
N TRP A 290 -3.57 2.17 16.82
CA TRP A 290 -5.00 2.40 16.87
C TRP A 290 -5.77 1.45 15.94
N GLY A 291 -5.08 0.73 15.11
CA GLY A 291 -5.67 -0.15 14.12
C GLY A 291 -5.94 0.59 12.82
N PHE A 292 -5.91 -0.13 11.71
CA PHE A 292 -6.04 0.50 10.40
C PHE A 292 -7.49 0.91 10.11
N GLU A 293 -8.49 0.37 10.84
CA GLU A 293 -9.83 0.91 10.63
C GLU A 293 -9.87 2.37 11.08
N GLN A 294 -9.27 2.70 12.20
CA GLN A 294 -9.21 4.10 12.69
C GLN A 294 -8.35 4.93 11.73
N CYS A 295 -7.24 4.36 11.21
CA CYS A 295 -6.51 5.15 10.21
C CYS A 295 -7.32 5.43 8.93
N SER A 296 -8.15 4.50 8.51
CA SER A 296 -8.99 4.71 7.33
C SER A 296 -10.10 5.76 7.60
N ALA A 297 -10.48 5.94 8.86
CA ALA A 297 -11.46 6.97 9.23
C ALA A 297 -10.78 8.34 9.23
N LEU A 298 -9.51 8.40 9.54
CA LEU A 298 -8.76 9.66 9.45
C LEU A 298 -8.63 9.99 7.97
N VAL A 299 -8.07 9.06 7.22
CA VAL A 299 -7.75 9.34 5.82
C VAL A 299 -8.90 8.82 4.96
N ASN A 300 -10.04 9.49 5.10
CA ASN A 300 -11.29 8.94 4.53
C ASN A 300 -11.69 9.66 3.25
N HIS A 301 -12.93 9.46 2.80
CA HIS A 301 -13.35 10.09 1.54
C HIS A 301 -13.36 11.62 1.62
N GLU A 302 -13.59 12.14 2.83
CA GLU A 302 -13.60 13.59 3.03
C GLU A 302 -12.20 14.16 2.87
N PHE A 303 -11.25 13.47 3.51
CA PHE A 303 -9.86 13.85 3.30
CA PHE A 303 -9.86 13.83 3.29
C PHE A 303 -9.56 13.88 1.80
N GLU A 304 -9.97 12.84 1.07
CA GLU A 304 -9.62 12.80 -0.38
C GLU A 304 -10.20 13.97 -1.12
N ARG A 305 -11.51 14.24 -0.88
CA ARG A 305 -12.05 15.33 -1.76
C ARG A 305 -11.47 16.67 -1.36
N VAL A 306 -11.20 16.96 -0.08
CA VAL A 306 -10.60 18.27 0.23
C VAL A 306 -9.13 18.32 -0.15
N PHE A 307 -8.34 17.32 0.32
CA PHE A 307 -6.91 17.43 0.09
C PHE A 307 -6.49 17.11 -1.33
N TYR A 308 -7.13 16.17 -2.01
CA TYR A 308 -6.68 15.82 -3.37
C TYR A 308 -7.08 16.93 -4.33
N LYS A 309 -8.28 17.50 -4.18
CA LYS A 309 -8.64 18.65 -5.04
C LYS A 309 -7.77 19.85 -4.70
N ASN A 310 -7.25 19.96 -3.46
CA ASN A 310 -6.31 21.04 -3.18
C ASN A 310 -5.01 20.87 -3.96
N ASN A 311 -4.61 19.65 -4.31
CA ASN A 311 -3.45 19.44 -5.14
C ASN A 311 -3.77 19.76 -6.61
N MET A 312 -5.01 19.45 -7.03
CA MET A 312 -5.42 19.89 -8.36
C MET A 312 -5.47 21.43 -8.40
N ALA A 313 -5.80 22.08 -7.25
CA ALA A 313 -5.79 23.57 -7.25
C ALA A 313 -4.41 24.11 -7.56
N ALA A 314 -3.35 23.35 -7.25
CA ALA A 314 -1.95 23.74 -7.52
C ALA A 314 -1.48 23.19 -8.86
N GLY A 315 -2.31 22.48 -9.64
CA GLY A 315 -1.94 22.00 -10.94
C GLY A 315 -1.09 20.77 -10.90
N VAL A 316 -1.24 19.88 -9.93
CA VAL A 316 -0.44 18.63 -10.02
C VAL A 316 -0.77 17.85 -11.27
N THR A 317 0.28 17.38 -11.98
CA THR A 317 0.01 16.57 -13.15
C THR A 317 0.75 15.22 -13.09
N ILE A 318 1.55 14.98 -12.03
CA ILE A 318 2.05 13.60 -11.78
C ILE A 318 1.71 13.41 -10.29
N PHE A 319 0.78 12.51 -9.99
CA PHE A 319 0.17 12.46 -8.66
C PHE A 319 0.05 11.02 -8.25
N ASN A 320 0.79 10.58 -7.22
CA ASN A 320 0.78 9.19 -6.80
C ASN A 320 0.31 9.08 -5.35
N ILE A 321 -0.62 8.18 -5.14
CA ILE A 321 -1.24 7.99 -3.83
C ILE A 321 -0.60 6.84 -3.08
N TYR A 322 0.08 7.19 -1.94
CA TYR A 322 0.84 6.22 -1.14
C TYR A 322 0.00 5.98 0.11
N MET A 323 -0.45 4.79 0.45
CA MET A 323 -0.57 3.61 -0.41
C MET A 323 -1.94 3.62 -1.10
N THR A 324 -2.04 2.91 -2.21
CA THR A 324 -3.35 2.60 -2.79
C THR A 324 -3.76 1.18 -2.43
N PHE A 325 -2.86 0.23 -2.49
CA PHE A 325 -3.06 -1.11 -1.94
C PHE A 325 -1.83 -1.39 -1.08
N GLY A 326 -1.97 -1.66 0.21
CA GLY A 326 -0.85 -1.84 1.09
C GLY A 326 -0.37 -3.26 1.21
N GLY A 327 -1.26 -4.26 1.29
CA GLY A 327 -0.83 -5.64 1.47
C GLY A 327 -0.33 -5.93 2.89
N THR A 328 0.59 -6.88 2.97
CA THR A 328 0.92 -7.45 4.26
C THR A 328 2.41 -7.57 4.45
N ASN A 329 2.89 -7.25 5.66
CA ASN A 329 4.31 -7.47 6.01
C ASN A 329 4.50 -8.93 6.42
N TRP A 330 4.29 -9.85 5.50
CA TRP A 330 4.48 -11.26 5.81
C TRP A 330 5.95 -11.54 5.98
N GLY A 331 6.25 -12.70 6.60
CA GLY A 331 7.64 -13.20 6.60
C GLY A 331 8.65 -12.21 7.17
N ASN A 332 8.31 -11.50 8.23
CA ASN A 332 9.22 -10.58 8.92
C ASN A 332 9.71 -9.47 7.99
N LEU A 333 9.03 -9.15 6.90
CA LEU A 333 9.67 -8.12 6.01
C LEU A 333 9.52 -6.74 6.58
N GLY A 334 8.62 -6.49 7.55
CA GLY A 334 8.39 -5.16 8.05
C GLY A 334 9.42 -4.67 9.04
N HIS A 335 9.37 -3.32 9.30
CA HIS A 335 10.23 -2.75 10.34
C HIS A 335 9.58 -2.74 11.70
N PRO A 336 10.32 -2.43 12.77
CA PRO A 336 9.74 -2.45 14.11
C PRO A 336 8.68 -1.39 14.37
N GLY A 337 8.63 -0.34 13.54
CA GLY A 337 7.64 0.72 13.72
C GLY A 337 6.25 0.38 13.21
N GLY A 338 6.08 -0.84 12.74
CA GLY A 338 4.79 -1.36 12.30
C GLY A 338 4.70 -2.82 12.71
N TYR A 339 3.54 -3.40 12.41
CA TYR A 339 3.25 -4.78 12.76
C TYR A 339 2.94 -5.55 11.49
N THR A 340 2.22 -6.69 11.57
CA THR A 340 2.12 -7.51 10.35
C THR A 340 1.31 -6.82 9.28
N SER A 341 0.16 -6.25 9.61
CA SER A 341 -0.64 -5.65 8.58
C SER A 341 0.03 -4.43 7.96
N TYR A 342 -0.13 -4.24 6.64
CA TYR A 342 0.18 -2.95 6.00
C TYR A 342 -1.08 -2.48 5.26
N ASP A 343 -2.27 -2.70 5.89
CA ASP A 343 -3.49 -2.23 5.24
C ASP A 343 -3.43 -0.72 4.97
N TYR A 344 -2.82 0.00 5.88
CA TYR A 344 -2.52 1.46 5.65
C TYR A 344 -3.78 2.29 5.72
N GLY A 345 -4.96 1.72 5.98
CA GLY A 345 -6.18 2.50 5.81
C GLY A 345 -6.41 2.88 4.33
N ALA A 346 -5.80 2.18 3.38
CA ALA A 346 -5.81 2.57 1.97
C ALA A 346 -7.18 2.35 1.32
N SER A 347 -7.31 2.95 0.15
CA SER A 347 -8.57 2.80 -0.63
C SER A 347 -8.84 1.36 -1.03
N ILE A 348 -7.81 0.55 -1.22
CA ILE A 348 -8.00 -0.89 -1.41
C ILE A 348 -7.50 -1.59 -0.15
N ARG A 349 -8.37 -2.35 0.50
CA ARG A 349 -7.99 -2.96 1.77
C ARG A 349 -6.91 -4.02 1.56
N GLU A 350 -6.31 -4.46 2.67
CA GLU A 350 -5.30 -5.52 2.65
C GLU A 350 -5.80 -6.77 2.01
N ASP A 351 -7.09 -7.08 2.22
CA ASP A 351 -7.71 -8.27 1.61
C ASP A 351 -8.25 -7.98 0.20
N ARG A 352 -7.96 -6.83 -0.36
CA ARG A 352 -8.21 -6.36 -1.73
C ARG A 352 -9.66 -5.90 -1.91
N ARG A 353 -10.44 -5.81 -0.84
CA ARG A 353 -11.82 -5.32 -0.99
C ARG A 353 -11.80 -3.80 -1.26
N ILE A 354 -12.80 -3.39 -2.06
CA ILE A 354 -12.94 -1.99 -2.47
C ILE A 354 -14.31 -1.46 -2.06
N ASP A 355 -14.67 -1.78 -0.80
CA ASP A 355 -15.89 -1.28 -0.24
C ASP A 355 -15.72 0.03 0.51
N ARG A 356 -14.52 0.47 0.86
CA ARG A 356 -14.42 1.75 1.63
C ARG A 356 -14.91 2.89 0.78
N GLU A 357 -15.64 3.83 1.40
CA GLU A 357 -16.17 4.95 0.62
C GLU A 357 -15.08 5.72 -0.11
N LYS A 358 -13.89 5.79 0.52
CA LYS A 358 -12.79 6.53 -0.09
C LYS A 358 -12.42 5.93 -1.44
N TYR A 359 -12.62 4.66 -1.69
CA TYR A 359 -12.37 4.09 -3.04
C TYR A 359 -13.26 4.78 -4.06
N SER A 360 -14.59 4.79 -3.75
CA SER A 360 -15.52 5.30 -4.76
C SER A 360 -15.31 6.79 -4.98
N GLU A 361 -14.97 7.52 -3.90
CA GLU A 361 -14.69 8.96 -4.10
C GLU A 361 -13.44 9.17 -4.96
N LEU A 362 -12.42 8.31 -4.76
CA LEU A 362 -11.19 8.46 -5.56
C LEU A 362 -11.49 8.18 -7.03
N LYS A 363 -12.39 7.21 -7.30
CA LYS A 363 -12.77 6.95 -8.70
C LYS A 363 -13.42 8.17 -9.33
N LEU A 364 -14.24 8.95 -8.58
CA LEU A 364 -14.84 10.13 -9.21
C LEU A 364 -13.75 11.08 -9.69
N GLN A 365 -12.69 11.18 -8.89
CA GLN A 365 -11.60 12.11 -9.24
C GLN A 365 -10.75 11.60 -10.39
N GLY A 366 -10.43 10.29 -10.40
CA GLY A 366 -9.65 9.76 -11.51
C GLY A 366 -10.40 9.83 -12.84
N GLN A 367 -11.70 9.52 -12.79
CA GLN A 367 -12.47 9.55 -14.03
C GLN A 367 -12.64 10.97 -14.55
N PHE A 368 -12.76 11.96 -13.66
CA PHE A 368 -12.83 13.35 -14.08
C PHE A 368 -11.53 13.78 -14.78
N LEU A 369 -10.38 13.50 -14.14
CA LEU A 369 -9.14 14.07 -14.71
C LEU A 369 -8.85 13.46 -16.09
N LYS A 370 -9.18 12.18 -16.29
CA LYS A 370 -8.75 11.57 -17.56
C LYS A 370 -9.59 12.05 -18.76
N VAL A 371 -10.68 12.78 -18.53
CA VAL A 371 -11.43 13.34 -19.67
C VAL A 371 -11.29 14.85 -19.73
N SER A 372 -10.30 15.41 -19.03
CA SER A 372 -10.21 16.86 -18.87
C SER A 372 -8.84 17.39 -19.23
N PRO A 373 -8.45 17.21 -20.50
CA PRO A 373 -7.08 17.66 -20.89
C PRO A 373 -6.89 19.15 -20.73
N GLY A 374 -7.91 19.97 -20.68
CA GLY A 374 -7.74 21.38 -20.52
C GLY A 374 -7.20 21.67 -19.15
N TYR A 375 -7.36 20.78 -18.21
CA TYR A 375 -6.74 20.98 -16.88
C TYR A 375 -5.23 21.11 -16.97
N ILE A 376 -4.60 20.41 -17.89
CA ILE A 376 -3.15 20.37 -17.97
C ILE A 376 -2.60 21.70 -18.36
N THR A 377 -3.31 22.41 -19.27
CA THR A 377 -2.61 23.63 -19.75
C THR A 377 -3.21 24.87 -19.14
N ALA A 378 -4.20 24.74 -18.27
CA ALA A 378 -4.71 25.89 -17.49
C ALA A 378 -3.61 26.30 -16.53
N THR A 379 -3.49 27.57 -16.20
CA THR A 379 -2.48 28.03 -15.26
C THR A 379 -3.03 28.22 -13.87
N PRO A 380 -2.51 27.48 -12.89
CA PRO A 380 -3.00 27.67 -11.51
C PRO A 380 -2.53 29.02 -11.03
N GLU A 381 -3.39 29.73 -10.36
CA GLU A 381 -3.12 31.05 -9.80
C GLU A 381 -3.31 31.01 -8.29
N ASN A 382 -3.03 32.13 -7.65
CA ASN A 382 -3.17 32.19 -6.22
C ASN A 382 -4.61 31.93 -5.76
N ALA A 383 -4.74 31.28 -4.62
CA ALA A 383 -6.01 31.16 -3.95
C ALA A 383 -6.59 32.51 -3.62
N THR A 384 -7.90 32.59 -3.66
CA THR A 384 -8.59 33.85 -3.42
C THR A 384 -9.73 33.69 -2.44
N GLN A 385 -10.16 34.82 -1.87
CA GLN A 385 -11.33 34.84 -1.01
C GLN A 385 -12.12 36.11 -1.32
N GLY A 386 -13.37 35.93 -1.72
CA GLY A 386 -14.22 37.08 -2.02
C GLY A 386 -13.93 37.65 -3.40
N VAL A 387 -13.23 36.89 -4.26
CA VAL A 387 -12.96 37.36 -5.63
C VAL A 387 -13.87 36.69 -6.66
N TYR A 388 -13.98 35.40 -6.58
CA TYR A 388 -14.82 34.59 -7.49
C TYR A 388 -16.14 34.26 -6.80
N SER A 389 -16.34 34.77 -5.60
CA SER A 389 -17.65 34.72 -4.93
CA SER A 389 -17.62 34.68 -4.89
C SER A 389 -17.75 35.93 -4.02
N ASP A 390 -18.95 36.38 -3.78
CA ASP A 390 -19.13 37.50 -2.82
C ASP A 390 -18.85 36.98 -1.43
N SER A 391 -19.14 35.70 -1.19
CA SER A 391 -18.88 34.99 0.03
CA SER A 391 -18.91 35.14 0.14
C SER A 391 -17.42 35.00 0.45
N GLN A 392 -17.08 35.38 1.68
CA GLN A 392 -15.77 35.25 2.26
CA GLN A 392 -15.75 35.25 2.22
C GLN A 392 -15.59 33.93 2.99
N ASN A 393 -16.63 33.11 3.09
CA ASN A 393 -16.53 31.87 3.85
C ASN A 393 -15.99 30.74 3.00
N ILE A 394 -15.68 30.98 1.76
CA ILE A 394 -15.08 29.95 0.91
C ILE A 394 -13.86 30.57 0.23
N VAL A 395 -12.92 29.66 -0.03
CA VAL A 395 -11.70 29.98 -0.76
C VAL A 395 -11.84 29.36 -2.15
N ILE A 396 -11.46 30.09 -3.18
CA ILE A 396 -11.52 29.58 -4.55
C ILE A 396 -10.16 29.74 -5.19
N THR A 397 -9.63 28.66 -5.75
CA THR A 397 -8.39 28.76 -6.51
C THR A 397 -8.69 28.55 -7.97
N PRO A 398 -8.38 29.53 -8.82
CA PRO A 398 -8.60 29.41 -10.26
C PRO A 398 -7.44 28.77 -10.97
N LEU A 399 -7.76 28.02 -12.01
CA LEU A 399 -6.81 27.58 -13.02
C LEU A 399 -7.37 28.15 -14.33
N LEU A 400 -6.62 29.06 -14.93
CA LEU A 400 -7.13 29.89 -16.00
C LEU A 400 -6.43 29.69 -17.33
N ALA A 401 -7.21 29.79 -18.40
CA ALA A 401 -6.69 29.64 -19.76
C ALA A 401 -7.40 30.62 -20.71
N LYS A 402 -6.74 31.05 -21.77
CA LYS A 402 -7.39 31.99 -22.69
C LYS A 402 -8.67 31.42 -23.28
N GLU A 403 -8.61 30.19 -23.78
CA GLU A 403 -9.77 29.64 -24.46
C GLU A 403 -10.03 28.17 -24.12
N SER A 404 -9.08 27.42 -23.57
CA SER A 404 -9.25 25.97 -23.46
C SER A 404 -10.02 25.52 -22.23
N GLY A 405 -10.46 26.47 -21.40
CA GLY A 405 -11.32 26.15 -20.30
C GLY A 405 -10.70 26.47 -18.95
N ASP A 406 -11.50 27.01 -18.02
CA ASP A 406 -11.02 27.25 -16.66
C ASP A 406 -11.60 26.28 -15.65
N PHE A 407 -10.91 26.20 -14.52
CA PHE A 407 -11.31 25.31 -13.43
C PHE A 407 -11.25 26.10 -12.14
N PHE A 408 -12.14 25.89 -11.21
CA PHE A 408 -12.16 26.65 -9.95
C PHE A 408 -12.35 25.69 -8.81
N VAL A 409 -11.35 25.59 -7.95
CA VAL A 409 -11.44 24.68 -6.83
C VAL A 409 -11.98 25.45 -5.62
N VAL A 410 -13.11 25.02 -5.11
CA VAL A 410 -13.79 25.70 -4.02
C VAL A 410 -13.68 24.88 -2.75
N ARG A 411 -13.31 25.52 -1.62
CA ARG A 411 -13.26 24.84 -0.34
C ARG A 411 -13.78 25.80 0.72
N HIS A 412 -14.07 25.27 1.90
CA HIS A 412 -14.35 26.18 3.02
C HIS A 412 -13.09 26.98 3.36
N ALA A 413 -13.26 28.23 3.76
CA ALA A 413 -12.11 29.04 4.12
C ALA A 413 -11.31 28.47 5.27
N ASN A 414 -11.99 27.95 6.31
CA ASN A 414 -11.40 27.04 7.28
C ASN A 414 -11.53 25.65 6.67
N TYR A 415 -10.42 25.10 6.20
CA TYR A 415 -10.44 23.89 5.40
C TYR A 415 -11.01 22.73 6.21
N SER A 416 -10.94 22.78 7.51
CA SER A 416 -11.40 21.73 8.45
C SER A 416 -12.90 21.77 8.65
N SER A 417 -13.54 22.85 8.23
CA SER A 417 -14.91 23.13 8.62
C SER A 417 -15.88 22.00 8.25
N THR A 418 -16.73 21.66 9.23
CA THR A 418 -17.77 20.69 8.97
C THR A 418 -19.10 21.39 8.81
N ASP A 419 -19.10 22.71 8.73
CA ASP A 419 -20.36 23.39 8.50
C ASP A 419 -20.74 23.40 7.03
N THR A 420 -22.00 23.77 6.80
CA THR A 420 -22.50 23.97 5.44
C THR A 420 -22.51 25.44 5.08
N ALA A 421 -22.02 25.79 3.92
CA ALA A 421 -21.98 27.13 3.40
C ALA A 421 -22.87 27.26 2.18
N SER A 422 -23.63 28.34 2.10
CA SER A 422 -24.39 28.73 0.93
C SER A 422 -23.64 29.81 0.19
N TYR A 423 -23.54 29.71 -1.14
CA TYR A 423 -22.74 30.66 -1.87
C TYR A 423 -23.22 30.75 -3.31
N THR A 424 -22.69 31.76 -4.01
CA THR A 424 -22.79 31.87 -5.42
C THR A 424 -21.38 32.15 -5.94
N VAL A 425 -21.18 31.99 -7.26
CA VAL A 425 -19.85 32.31 -7.82
C VAL A 425 -20.02 33.31 -8.95
N LYS A 426 -18.96 34.04 -9.24
CA LYS A 426 -18.91 34.94 -10.38
C LYS A 426 -17.67 34.51 -11.17
N LEU A 427 -17.86 33.88 -12.34
CA LEU A 427 -16.75 33.20 -13.02
C LEU A 427 -16.57 33.80 -14.41
N PRO A 428 -15.35 33.87 -14.84
CA PRO A 428 -15.08 34.29 -16.22
C PRO A 428 -15.47 33.21 -17.21
N THR A 429 -16.08 33.63 -18.31
CA THR A 429 -16.42 32.71 -19.38
C THR A 429 -16.19 33.42 -20.73
N SER A 430 -16.18 32.65 -21.81
CA SER A 430 -16.17 33.22 -23.16
C SER A 430 -17.38 34.10 -23.44
N ALA A 431 -18.43 34.06 -22.63
CA ALA A 431 -19.51 34.99 -22.81
C ALA A 431 -19.44 36.15 -21.81
N GLY A 432 -18.34 36.32 -21.08
CA GLY A 432 -18.12 37.35 -20.08
C GLY A 432 -18.29 36.79 -18.68
N ASP A 433 -18.19 37.66 -17.67
CA ASP A 433 -18.26 37.19 -16.29
C ASP A 433 -19.70 36.93 -15.87
N LEU A 434 -19.99 35.80 -15.30
CA LEU A 434 -21.38 35.53 -14.91
C LEU A 434 -21.52 35.15 -13.44
N THR A 435 -22.51 35.66 -12.76
CA THR A 435 -22.87 35.19 -11.42
C THR A 435 -23.80 33.99 -11.61
N ILE A 436 -23.36 32.91 -11.01
CA ILE A 436 -24.06 31.64 -11.20
C ILE A 436 -24.47 31.15 -9.84
N PRO A 437 -25.67 30.62 -9.66
CA PRO A 437 -26.71 30.34 -10.68
C PRO A 437 -27.37 31.50 -11.41
N GLN A 438 -27.42 31.40 -12.74
CA GLN A 438 -28.09 32.42 -13.52
C GLN A 438 -29.59 32.32 -13.43
N LEU A 439 -30.14 31.19 -13.00
CA LEU A 439 -31.59 31.06 -12.90
C LEU A 439 -32.02 31.14 -11.47
N GLY A 440 -31.24 31.70 -10.57
CA GLY A 440 -31.69 31.89 -9.19
C GLY A 440 -31.25 30.78 -8.26
N GLY A 441 -31.16 31.07 -6.94
CA GLY A 441 -30.82 30.07 -5.97
C GLY A 441 -29.35 30.12 -5.63
N SER A 442 -29.02 29.33 -4.61
CA SER A 442 -27.67 29.28 -4.04
C SER A 442 -27.08 27.89 -4.17
N LEU A 443 -25.78 27.86 -4.39
CA LEU A 443 -25.01 26.63 -4.25
C LEU A 443 -24.75 26.31 -2.80
N THR A 444 -24.45 25.05 -2.53
CA THR A 444 -24.18 24.56 -1.18
C THR A 444 -22.85 23.85 -1.16
N LEU A 445 -22.05 24.13 -0.15
CA LEU A 445 -20.81 23.37 0.13
C LEU A 445 -21.01 22.78 1.52
N THR A 446 -21.22 21.48 1.64
CA THR A 446 -21.46 20.85 2.96
C THR A 446 -20.13 20.57 3.64
N GLY A 447 -20.15 19.99 4.82
CA GLY A 447 -18.94 19.88 5.62
C GLY A 447 -17.85 19.03 4.96
N ARG A 448 -16.62 19.52 5.09
CA ARG A 448 -15.43 18.78 4.54
C ARG A 448 -15.68 18.29 3.14
N ASP A 449 -16.17 19.21 2.32
CA ASP A 449 -16.31 18.97 0.87
C ASP A 449 -15.53 20.04 0.13
N SER A 450 -15.16 19.70 -1.08
CA SER A 450 -14.52 20.66 -2.02
C SER A 450 -15.02 20.31 -3.41
N LYS A 451 -15.21 21.33 -4.25
CA LYS A 451 -15.76 21.10 -5.58
C LYS A 451 -14.88 21.74 -6.61
N ILE A 452 -14.91 21.21 -7.81
CA ILE A 452 -14.33 21.86 -8.96
CA ILE A 452 -14.33 21.86 -8.96
C ILE A 452 -15.47 22.30 -9.88
N HIS A 453 -15.58 23.63 -10.06
CA HIS A 453 -16.51 24.21 -11.04
C HIS A 453 -15.71 24.49 -12.30
N VAL A 454 -16.37 24.48 -13.47
CA VAL A 454 -15.65 24.70 -14.72
C VAL A 454 -16.34 25.75 -15.59
N THR A 455 -15.53 26.39 -16.43
CA THR A 455 -16.09 27.23 -17.51
C THR A 455 -15.44 26.84 -18.85
N ASP A 456 -16.20 27.01 -19.93
CA ASP A 456 -15.81 26.65 -21.28
C ASP A 456 -15.12 25.29 -21.33
N TYR A 457 -15.83 24.30 -20.77
CA TYR A 457 -15.31 22.94 -20.66
C TYR A 457 -15.73 22.18 -21.89
N PRO A 458 -14.80 21.66 -22.69
CA PRO A 458 -15.20 20.96 -23.89
C PRO A 458 -15.72 19.54 -23.62
N VAL A 459 -16.84 19.23 -24.25
CA VAL A 459 -17.46 17.93 -24.18
C VAL A 459 -17.61 17.43 -25.61
N GLY A 460 -16.51 17.01 -26.23
CA GLY A 460 -16.57 16.61 -27.64
C GLY A 460 -16.83 17.83 -28.51
N LYS A 461 -17.88 17.69 -29.32
CA LYS A 461 -18.27 18.84 -30.13
C LYS A 461 -19.07 19.86 -29.34
N PHE A 462 -19.45 19.61 -28.12
CA PHE A 462 -20.30 20.49 -27.36
C PHE A 462 -19.40 21.24 -26.40
N THR A 463 -19.95 22.35 -25.87
CA THR A 463 -19.16 23.04 -24.83
C THR A 463 -20.05 23.42 -23.66
N LEU A 464 -19.56 23.09 -22.47
CA LEU A 464 -20.22 23.64 -21.28
C LEU A 464 -19.73 25.04 -21.06
N LEU A 465 -20.59 26.02 -21.23
CA LEU A 465 -20.20 27.40 -20.91
C LEU A 465 -19.81 27.46 -19.45
N TYR A 466 -20.57 26.76 -18.59
CA TYR A 466 -20.11 26.57 -17.20
C TYR A 466 -20.82 25.35 -16.64
N SER A 467 -20.26 24.82 -15.57
CA SER A 467 -21.02 23.89 -14.74
C SER A 467 -20.60 24.01 -13.29
N THR A 468 -21.56 24.06 -12.39
CA THR A 468 -21.24 23.99 -10.98
C THR A 468 -21.19 22.53 -10.55
N ALA A 469 -22.00 21.68 -11.17
CA ALA A 469 -21.89 20.25 -10.82
C ALA A 469 -20.60 19.67 -11.34
N GLU A 470 -20.12 18.64 -10.65
CA GLU A 470 -18.86 18.05 -11.05
C GLU A 470 -19.04 17.03 -12.14
N ILE A 471 -18.02 16.90 -12.95
CA ILE A 471 -18.04 15.98 -14.08
C ILE A 471 -17.48 14.65 -13.63
N PHE A 472 -18.22 13.59 -13.84
CA PHE A 472 -17.73 12.22 -13.63
C PHE A 472 -17.02 11.72 -14.88
N THR A 473 -17.70 11.79 -16.03
CA THR A 473 -17.09 11.39 -17.30
C THR A 473 -17.88 11.98 -18.43
N TRP A 474 -17.31 11.90 -19.63
CA TRP A 474 -18.13 12.19 -20.82
C TRP A 474 -17.45 11.42 -21.96
N ASN A 475 -18.22 11.08 -23.00
CA ASN A 475 -17.60 10.52 -24.18
C ASN A 475 -18.52 10.78 -25.37
N GLU A 476 -17.88 10.83 -26.54
CA GLU A 476 -18.54 10.92 -27.83
C GLU A 476 -18.69 9.51 -28.37
N PHE A 477 -19.88 8.94 -28.45
CA PHE A 477 -20.20 7.65 -29.00
C PHE A 477 -20.69 7.85 -30.42
N ALA A 478 -20.96 6.75 -31.11
CA ALA A 478 -21.22 6.98 -32.55
C ALA A 478 -22.51 7.76 -32.80
N GLU A 479 -23.49 7.75 -31.90
CA GLU A 479 -24.80 8.31 -32.18
C GLU A 479 -25.18 9.40 -31.19
N LYS A 480 -24.46 9.52 -30.11
CA LYS A 480 -24.76 10.48 -29.06
C LYS A 480 -23.43 10.85 -28.34
N THR A 481 -23.44 11.99 -27.70
CA THR A 481 -22.40 12.35 -26.72
C THR A 481 -23.02 12.25 -25.34
N VAL A 482 -22.34 11.62 -24.40
CA VAL A 482 -22.88 11.46 -23.07
C VAL A 482 -22.04 12.23 -22.09
N LEU A 483 -22.67 12.94 -21.16
CA LEU A 483 -22.01 13.68 -20.10
C LEU A 483 -22.66 13.24 -18.77
N VAL A 484 -21.89 12.88 -17.78
CA VAL A 484 -22.41 12.49 -16.46
C VAL A 484 -21.92 13.53 -15.47
N LEU A 485 -22.88 14.19 -14.82
CA LEU A 485 -22.61 15.25 -13.84
C LEU A 485 -23.16 14.81 -12.47
N TYR A 486 -22.52 15.24 -11.40
CA TYR A 486 -23.06 14.87 -10.10
C TYR A 486 -22.90 16.00 -9.08
N GLY A 487 -23.81 15.93 -8.08
CA GLY A 487 -23.70 16.77 -6.88
C GLY A 487 -23.99 15.94 -5.64
N GLY A 488 -23.59 16.41 -4.48
CA GLY A 488 -24.04 15.82 -3.23
C GLY A 488 -25.53 16.00 -3.12
N ALA A 489 -26.16 15.09 -2.42
CA ALA A 489 -27.63 15.17 -2.25
C ALA A 489 -28.08 16.52 -1.70
N GLN A 490 -29.20 16.99 -2.27
CA GLN A 490 -29.87 18.25 -1.88
C GLN A 490 -29.09 19.48 -2.37
N GLU A 491 -27.99 19.34 -3.10
CA GLU A 491 -27.30 20.53 -3.67
C GLU A 491 -27.98 21.00 -4.93
N LEU A 492 -28.21 22.30 -5.04
CA LEU A 492 -28.67 22.88 -6.29
C LEU A 492 -27.47 23.11 -7.19
N HIS A 493 -27.59 22.71 -8.44
CA HIS A 493 -26.52 22.93 -9.41
C HIS A 493 -27.08 23.51 -10.70
N GLU A 494 -26.19 24.19 -11.44
CA GLU A 494 -26.60 24.75 -12.73
C GLU A 494 -25.48 24.55 -13.74
N PHE A 495 -25.84 24.29 -14.99
CA PHE A 495 -24.84 24.26 -16.05
C PHE A 495 -25.48 24.86 -17.30
N ALA A 496 -24.63 25.25 -18.21
CA ALA A 496 -25.15 25.88 -19.42
C ALA A 496 -24.36 25.30 -20.60
N VAL A 497 -25.07 25.01 -21.67
CA VAL A 497 -24.50 24.38 -22.85
C VAL A 497 -24.61 25.35 -24.01
N LYS A 498 -23.47 25.67 -24.65
CA LYS A 498 -23.56 26.53 -25.85
C LYS A 498 -24.41 25.84 -26.92
N ASN A 499 -25.10 26.60 -27.75
CA ASN A 499 -26.07 26.04 -28.71
C ASN A 499 -25.77 24.62 -29.18
N PRO A 500 -26.52 23.69 -28.60
CA PRO A 500 -26.28 22.27 -28.91
C PRO A 500 -27.08 21.72 -30.06
N PHE A 501 -27.76 22.57 -30.81
CA PHE A 501 -28.77 22.11 -31.78
C PHE A 501 -28.33 22.16 -33.20
N GLY A 502 -27.08 22.53 -33.43
CA GLY A 502 -26.54 22.63 -34.78
C GLY A 502 -27.06 23.84 -35.52
N SER A 503 -27.34 23.65 -36.82
CA SER A 503 -27.99 24.68 -37.58
C SER A 503 -29.48 24.68 -37.28
N SER A 504 -29.98 23.95 -36.28
CA SER A 504 -31.45 23.90 -36.19
C SER A 504 -32.04 25.03 -35.35
N LYS A 505 -33.01 25.69 -35.98
CA LYS A 505 -33.69 26.78 -35.29
C LYS A 505 -35.15 26.38 -35.05
N THR A 506 -35.35 25.16 -34.59
CA THR A 506 -36.59 24.55 -34.17
C THR A 506 -36.37 23.48 -33.10
N ALA A 507 -35.26 22.77 -33.15
CA ALA A 507 -34.88 21.78 -32.14
C ALA A 507 -35.00 22.31 -30.72
N LYS A 508 -35.35 21.45 -29.76
CA LYS A 508 -35.40 21.88 -28.36
C LYS A 508 -35.02 20.79 -27.39
N ALA A 509 -34.79 21.24 -26.16
CA ALA A 509 -34.43 20.27 -25.14
C ALA A 509 -35.53 19.24 -24.93
N LYS A 510 -35.14 18.02 -24.58
CA LYS A 510 -36.12 16.97 -24.26
C LYS A 510 -35.80 16.39 -22.89
N LYS A 511 -36.76 16.43 -21.98
CA LYS A 511 -36.61 15.83 -20.66
C LYS A 511 -36.87 14.35 -20.80
N ILE A 512 -35.94 13.53 -20.42
CA ILE A 512 -36.10 12.08 -20.58
C ILE A 512 -36.45 11.42 -19.26
N GLU A 513 -35.74 11.79 -18.20
CA GLU A 513 -36.01 11.28 -16.87
C GLU A 513 -36.01 12.44 -15.85
N GLY A 514 -36.91 12.33 -14.90
CA GLY A 514 -36.84 13.20 -13.73
C GLY A 514 -37.86 14.32 -13.77
N SER A 515 -38.21 14.85 -12.62
CA SER A 515 -39.18 15.94 -12.64
C SER A 515 -38.62 17.15 -11.92
N ASN A 516 -37.32 17.12 -11.72
CA ASN A 516 -36.74 18.21 -10.93
C ASN A 516 -36.02 19.18 -11.83
N VAL A 517 -35.37 18.75 -12.86
CA VAL A 517 -34.58 19.64 -13.70
C VAL A 517 -35.45 20.71 -14.37
N THR A 518 -34.93 21.94 -14.41
CA THR A 518 -35.58 22.99 -15.20
C THR A 518 -34.64 23.46 -16.29
N ILE A 519 -35.24 23.98 -17.36
CA ILE A 519 -34.47 24.28 -18.54
C ILE A 519 -34.92 25.62 -19.07
N HIS A 520 -33.98 26.50 -19.32
CA HIS A 520 -34.31 27.79 -19.90
C HIS A 520 -33.34 28.09 -21.00
N THR A 521 -33.85 28.52 -22.14
CA THR A 521 -32.92 28.68 -23.27
C THR A 521 -32.82 30.13 -23.67
N THR A 522 -31.63 30.66 -23.94
CA THR A 522 -31.57 32.09 -24.18
C THR A 522 -31.78 32.38 -25.65
N SER A 523 -31.85 33.61 -26.08
CA SER A 523 -32.10 33.88 -27.51
C SER A 523 -31.01 33.30 -28.39
N ASN A 524 -29.77 33.26 -27.90
CA ASN A 524 -28.70 32.65 -28.69
C ASN A 524 -28.63 31.15 -28.55
N LEU A 525 -29.59 30.56 -27.85
CA LEU A 525 -29.72 29.11 -27.82
C LEU A 525 -28.68 28.50 -26.90
N THR A 526 -28.11 29.31 -25.99
CA THR A 526 -27.47 28.67 -24.84
C THR A 526 -28.54 28.08 -23.92
N VAL A 527 -28.42 26.82 -23.58
CA VAL A 527 -29.40 26.15 -22.76
C VAL A 527 -28.91 26.11 -21.32
N VAL A 528 -29.67 26.62 -20.40
CA VAL A 528 -29.31 26.65 -19.00
C VAL A 528 -30.20 25.69 -18.23
N LEU A 529 -29.55 24.80 -17.48
CA LEU A 529 -30.26 23.73 -16.79
C LEU A 529 -29.94 23.81 -15.31
N GLN A 530 -30.96 23.80 -14.47
CA GLN A 530 -30.80 23.78 -13.03
C GLN A 530 -31.40 22.47 -12.49
N TRP A 531 -30.78 21.89 -11.46
CA TRP A 531 -31.34 20.67 -10.93
C TRP A 531 -30.87 20.55 -9.49
N THR A 532 -31.62 19.86 -8.68
CA THR A 532 -31.18 19.60 -7.31
C THR A 532 -30.88 18.12 -7.18
N ALA A 533 -29.65 17.79 -6.82
CA ALA A 533 -29.24 16.38 -6.81
C ALA A 533 -29.99 15.60 -5.75
N SER A 534 -30.32 14.35 -6.15
CA SER A 534 -31.06 13.47 -5.25
C SER A 534 -30.85 12.07 -5.73
N SER A 535 -31.48 11.09 -5.06
CA SER A 535 -31.30 9.71 -5.52
C SER A 535 -32.04 9.45 -6.80
N ALA A 536 -32.85 10.41 -7.26
CA ALA A 536 -33.55 10.25 -8.52
C ALA A 536 -32.78 10.89 -9.67
N ARG A 537 -32.28 10.10 -10.61
CA ARG A 537 -31.51 10.65 -11.70
C ARG A 537 -32.37 11.53 -12.59
N GLN A 538 -31.80 12.63 -13.10
CA GLN A 538 -32.42 13.43 -14.12
C GLN A 538 -31.66 13.20 -15.44
N VAL A 539 -32.37 13.16 -16.55
CA VAL A 539 -31.69 12.97 -17.83
C VAL A 539 -32.36 13.92 -18.81
N VAL A 540 -31.55 14.68 -19.53
CA VAL A 540 -32.02 15.60 -20.55
C VAL A 540 -31.21 15.39 -21.84
N GLN A 541 -31.91 15.42 -22.96
CA GLN A 541 -31.29 15.33 -24.27
C GLN A 541 -31.34 16.70 -24.97
N LEU A 542 -30.19 17.17 -25.41
CA LEU A 542 -30.05 18.41 -26.17
C LEU A 542 -29.43 18.09 -27.52
N GLY A 543 -30.21 17.98 -28.58
CA GLY A 543 -29.62 17.52 -29.83
C GLY A 543 -29.13 16.09 -29.61
N SER A 544 -27.84 15.87 -29.95
CA SER A 544 -27.24 14.57 -29.76
C SER A 544 -26.45 14.47 -28.45
N LEU A 545 -26.53 15.46 -27.61
CA LEU A 545 -25.91 15.45 -26.27
C LEU A 545 -26.93 14.95 -25.25
N VAL A 546 -26.57 13.95 -24.46
CA VAL A 546 -27.43 13.42 -23.40
C VAL A 546 -26.69 13.62 -22.08
N ILE A 547 -27.34 14.35 -21.16
CA ILE A 547 -26.73 14.60 -19.86
CA ILE A 547 -26.79 14.66 -19.86
C ILE A 547 -27.46 13.81 -18.79
N TYR A 548 -26.67 13.03 -18.05
CA TYR A 548 -27.18 12.26 -16.91
C TYR A 548 -26.77 13.00 -15.67
N MET A 549 -27.74 13.39 -14.83
CA MET A 549 -27.50 14.22 -13.65
C MET A 549 -27.80 13.38 -12.42
N VAL A 550 -26.81 13.05 -11.62
CA VAL A 550 -26.99 12.13 -10.52
C VAL A 550 -26.46 12.72 -9.21
N ASP A 551 -26.82 12.07 -8.09
CA ASP A 551 -26.16 12.48 -6.85
C ASP A 551 -24.85 11.71 -6.71
N ARG A 552 -24.02 12.18 -5.77
CA ARG A 552 -22.71 11.57 -5.56
C ARG A 552 -22.79 10.11 -5.26
N ASN A 553 -23.72 9.72 -4.37
CA ASN A 553 -23.78 8.31 -4.00
C ASN A 553 -24.21 7.44 -5.17
N SER A 554 -25.00 7.97 -6.10
CA SER A 554 -25.24 7.18 -7.33
C SER A 554 -24.00 7.15 -8.20
N ALA A 555 -23.29 8.29 -8.33
CA ALA A 555 -22.08 8.31 -9.17
C ALA A 555 -21.02 7.32 -8.69
N TYR A 556 -20.99 7.04 -7.39
CA TYR A 556 -20.07 6.04 -6.86
C TYR A 556 -20.23 4.69 -7.54
N ASN A 557 -21.40 4.41 -8.10
CA ASN A 557 -21.62 3.09 -8.73
C ASN A 557 -21.45 3.10 -10.24
N TYR A 558 -20.93 4.17 -10.82
CA TYR A 558 -20.65 4.21 -12.25
C TYR A 558 -19.18 3.85 -12.52
N TRP A 559 -18.94 3.35 -13.74
CA TRP A 559 -17.64 2.82 -14.11
C TRP A 559 -17.38 3.22 -15.54
N VAL A 560 -16.10 3.36 -15.90
CA VAL A 560 -15.76 3.73 -17.26
C VAL A 560 -14.64 2.86 -17.77
N PRO A 561 -14.91 1.58 -18.02
CA PRO A 561 -13.88 0.70 -18.61
C PRO A 561 -13.57 1.16 -20.04
N THR A 562 -12.29 1.01 -20.39
CA THR A 562 -11.83 1.46 -21.71
C THR A 562 -11.95 0.32 -22.72
N LEU A 563 -12.25 0.65 -23.95
CA LEU A 563 -12.28 -0.35 -25.02
C LEU A 563 -10.90 -0.68 -25.52
N PRO A 564 -10.54 -1.96 -25.54
CA PRO A 564 -9.17 -2.32 -25.94
C PRO A 564 -8.84 -1.88 -27.37
N GLY A 565 -7.57 -1.65 -27.58
CA GLY A 565 -6.98 -1.48 -28.91
C GLY A 565 -6.57 -2.87 -29.43
N SER A 566 -5.43 -2.89 -30.14
CA SER A 566 -4.93 -4.14 -30.71
C SER A 566 -3.44 -4.31 -30.37
N GLY A 567 -2.98 -5.53 -30.50
CA GLY A 567 -1.57 -5.84 -30.25
C GLY A 567 -1.30 -5.98 -28.75
N LYS A 568 0.00 -6.10 -28.47
CA LYS A 568 0.51 -6.25 -27.14
C LYS A 568 -0.01 -5.14 -26.24
N GLN A 569 -0.15 -3.92 -26.74
CA GLN A 569 -0.55 -2.83 -25.86
C GLN A 569 -2.06 -2.61 -25.92
N SER A 570 -2.84 -3.61 -26.28
CA SER A 570 -4.27 -3.41 -26.50
C SER A 570 -4.97 -2.86 -25.26
N ALA A 571 -4.56 -3.23 -24.06
CA ALA A 571 -5.27 -2.82 -22.88
C ALA A 571 -5.10 -1.31 -22.60
N TYR A 572 -4.14 -0.66 -23.24
CA TYR A 572 -3.98 0.80 -23.02
C TYR A 572 -4.97 1.54 -23.89
N GLY A 573 -5.85 0.84 -24.66
CA GLY A 573 -6.95 1.52 -25.30
C GLY A 573 -6.53 2.47 -26.41
N SER A 574 -7.43 3.41 -26.71
CA SER A 574 -7.18 4.26 -27.89
C SER A 574 -6.26 5.42 -27.58
N SER A 575 -6.18 5.79 -26.32
CA SER A 575 -5.39 6.96 -25.87
C SER A 575 -5.40 6.92 -24.35
N LEU A 576 -4.57 7.71 -23.67
CA LEU A 576 -4.64 7.78 -22.21
C LEU A 576 -5.70 8.76 -21.73
N MET A 577 -5.86 9.90 -22.42
CA MET A 577 -6.87 10.89 -22.07
C MET A 577 -8.04 10.74 -23.03
N ASN A 578 -9.26 10.91 -22.56
CA ASN A 578 -10.44 10.73 -23.45
C ASN A 578 -10.43 9.41 -24.22
N PRO A 579 -10.15 8.29 -23.58
CA PRO A 579 -10.10 7.03 -24.34
C PRO A 579 -11.48 6.58 -24.79
N ASP A 580 -11.55 5.77 -25.83
CA ASP A 580 -12.80 5.10 -26.17
C ASP A 580 -13.21 4.24 -24.98
N SER A 581 -14.48 4.24 -24.66
CA SER A 581 -14.93 3.60 -23.43
C SER A 581 -16.38 3.11 -23.55
N VAL A 582 -16.87 2.44 -22.53
CA VAL A 582 -18.31 2.25 -22.35
CA VAL A 582 -18.26 2.11 -22.29
C VAL A 582 -18.57 2.65 -20.90
N ILE A 583 -19.71 3.24 -20.66
CA ILE A 583 -20.06 3.72 -19.34
C ILE A 583 -21.03 2.71 -18.72
N ILE A 584 -20.73 2.25 -17.50
CA ILE A 584 -21.62 1.24 -16.90
C ILE A 584 -22.07 1.75 -15.54
N ASN A 585 -23.39 1.71 -15.33
CA ASN A 585 -23.96 2.08 -14.03
C ASN A 585 -24.35 0.80 -13.29
N GLY A 586 -23.66 0.50 -12.20
CA GLY A 586 -23.97 -0.66 -11.40
C GLY A 586 -22.73 -1.51 -11.24
N GLY A 587 -22.70 -2.26 -10.15
CA GLY A 587 -21.66 -3.25 -9.92
C GLY A 587 -20.71 -2.80 -8.84
N TYR A 588 -20.16 -3.80 -8.11
CA TYR A 588 -19.12 -3.55 -7.11
C TYR A 588 -17.78 -3.25 -7.76
N LEU A 589 -17.55 -3.82 -8.94
CA LEU A 589 -16.36 -3.56 -9.71
C LEU A 589 -16.66 -3.88 -11.18
N ILE A 590 -16.28 -3.00 -12.11
CA ILE A 590 -16.18 -3.39 -13.52
C ILE A 590 -14.72 -3.47 -13.86
N ARG A 591 -14.28 -4.67 -14.20
CA ARG A 591 -12.87 -4.91 -14.46
C ARG A 591 -12.51 -4.57 -15.88
N SER A 592 -13.32 -4.93 -16.85
CA SER A 592 -12.92 -4.74 -18.26
C SER A 592 -14.14 -4.94 -19.13
N VAL A 593 -14.04 -4.49 -20.36
CA VAL A 593 -14.96 -4.82 -21.44
C VAL A 593 -14.14 -5.25 -22.64
N ALA A 594 -14.78 -6.03 -23.51
CA ALA A 594 -14.14 -6.42 -24.77
C ALA A 594 -15.26 -6.62 -25.78
N ILE A 595 -14.89 -6.40 -27.05
CA ILE A 595 -15.81 -6.63 -28.13
CA ILE A 595 -15.83 -6.65 -28.12
C ILE A 595 -15.37 -7.87 -28.90
N LYS A 596 -16.29 -8.76 -29.18
CA LYS A 596 -15.93 -9.88 -30.05
C LYS A 596 -17.13 -10.10 -30.96
N GLY A 597 -16.92 -9.82 -32.24
CA GLY A 597 -18.05 -9.86 -33.17
C GLY A 597 -19.08 -8.81 -32.80
N ASN A 598 -20.33 -9.28 -32.73
CA ASN A 598 -21.42 -8.41 -32.33
C ASN A 598 -21.65 -8.42 -30.82
N ALA A 599 -20.71 -8.92 -30.03
CA ALA A 599 -20.96 -9.06 -28.57
C ALA A 599 -20.05 -8.16 -27.74
N LEU A 600 -20.66 -7.51 -26.76
CA LEU A 600 -19.92 -6.80 -25.72
C LEU A 600 -19.81 -7.71 -24.51
N SER A 601 -18.60 -8.00 -24.08
CA SER A 601 -18.33 -8.89 -22.96
CA SER A 601 -18.33 -8.88 -22.96
C SER A 601 -17.83 -8.06 -21.79
N VAL A 602 -18.42 -8.16 -20.64
CA VAL A 602 -18.05 -7.39 -19.47
C VAL A 602 -17.52 -8.36 -18.41
N GLN A 603 -16.42 -8.01 -17.79
CA GLN A 603 -15.99 -8.71 -16.59
C GLN A 603 -16.29 -7.86 -15.37
N ALA A 604 -16.98 -8.40 -14.39
CA ALA A 604 -17.51 -7.60 -13.30
C ALA A 604 -17.52 -8.40 -11.99
N ASP A 605 -17.50 -7.70 -10.88
CA ASP A 605 -17.71 -8.33 -9.59
C ASP A 605 -18.96 -7.73 -8.94
N PHE A 606 -19.68 -8.57 -8.23
CA PHE A 606 -20.89 -8.18 -7.55
C PHE A 606 -20.87 -8.61 -6.08
N ASN A 607 -21.02 -7.65 -5.16
CA ASN A 607 -21.07 -8.04 -3.75
C ASN A 607 -22.51 -7.94 -3.21
N VAL A 608 -23.39 -7.33 -3.99
CA VAL A 608 -24.79 -7.21 -3.64
C VAL A 608 -25.54 -7.32 -4.96
N THR A 609 -26.85 -7.59 -4.91
CA THR A 609 -27.55 -7.64 -6.21
C THR A 609 -27.69 -6.22 -6.71
N THR A 610 -27.67 -6.10 -8.05
CA THR A 610 -27.80 -4.83 -8.76
C THR A 610 -28.12 -5.13 -10.22
N PRO A 611 -28.84 -4.27 -10.90
CA PRO A 611 -28.85 -4.33 -12.34
C PRO A 611 -27.56 -3.73 -12.87
N LEU A 612 -27.32 -3.90 -14.14
CA LEU A 612 -26.23 -3.22 -14.84
C LEU A 612 -26.88 -2.44 -15.98
N GLU A 613 -26.54 -1.15 -16.06
CA GLU A 613 -26.99 -0.31 -17.17
C GLU A 613 -25.77 0.08 -18.00
N ILE A 614 -25.83 -0.22 -19.27
CA ILE A 614 -24.72 0.00 -20.20
C ILE A 614 -25.02 1.18 -21.09
N ILE A 615 -24.18 2.17 -21.06
CA ILE A 615 -24.41 3.42 -21.79
C ILE A 615 -23.33 3.60 -22.82
N GLY A 616 -23.70 3.79 -24.07
CA GLY A 616 -22.71 3.96 -25.14
C GLY A 616 -22.39 2.66 -25.80
N ILE A 617 -23.36 1.99 -26.38
CA ILE A 617 -23.13 0.72 -27.05
C ILE A 617 -22.35 0.88 -28.35
N PRO A 618 -21.21 0.21 -28.56
CA PRO A 618 -20.46 0.44 -29.80
C PRO A 618 -21.33 0.01 -30.98
N LYS A 619 -21.02 0.65 -32.11
CA LYS A 619 -21.78 0.41 -33.34
C LYS A 619 -21.76 -1.05 -33.74
N GLY A 620 -22.88 -1.62 -34.17
CA GLY A 620 -22.79 -3.00 -34.62
C GLY A 620 -22.89 -4.03 -33.51
N ILE A 621 -22.92 -3.61 -32.24
CA ILE A 621 -23.00 -4.63 -31.18
C ILE A 621 -24.43 -4.86 -30.73
N SER A 622 -24.83 -6.11 -30.61
CA SER A 622 -26.23 -6.41 -30.29
C SER A 622 -26.31 -7.50 -29.23
N LYS A 623 -25.25 -8.07 -28.76
CA LYS A 623 -25.25 -9.12 -27.74
C LYS A 623 -24.45 -8.66 -26.53
N LEU A 624 -24.87 -9.15 -25.39
CA LEU A 624 -24.22 -8.85 -24.11
C LEU A 624 -23.79 -10.13 -23.40
N ALA A 625 -22.62 -10.10 -22.80
CA ALA A 625 -22.26 -11.17 -21.88
C ALA A 625 -21.66 -10.54 -20.63
N VAL A 626 -21.90 -11.17 -19.48
CA VAL A 626 -21.30 -10.75 -18.20
C VAL A 626 -20.57 -11.97 -17.62
N ASN A 627 -19.30 -11.87 -17.39
CA ASN A 627 -18.50 -12.98 -16.80
C ASN A 627 -18.72 -14.26 -17.57
N GLY A 628 -18.72 -14.09 -18.90
CA GLY A 628 -18.76 -15.26 -19.78
C GLY A 628 -20.16 -15.79 -20.01
N LYS A 629 -21.20 -15.20 -19.48
CA LYS A 629 -22.53 -15.75 -19.65
C LYS A 629 -23.37 -14.75 -20.45
N GLU A 630 -23.90 -15.19 -21.58
CA GLU A 630 -24.72 -14.30 -22.39
C GLU A 630 -26.00 -13.96 -21.61
N LEU A 631 -26.52 -12.78 -21.82
CA LEU A 631 -27.84 -12.45 -21.29
C LEU A 631 -28.53 -11.35 -22.04
N GLY A 632 -29.83 -11.41 -21.90
CA GLY A 632 -30.65 -10.38 -22.54
C GLY A 632 -30.62 -9.10 -21.77
N TYR A 633 -31.31 -8.14 -22.35
CA TYR A 633 -31.34 -6.80 -21.75
C TYR A 633 -32.59 -6.08 -22.24
N SER A 634 -32.99 -5.06 -21.53
CA SER A 634 -34.03 -4.13 -21.91
C SER A 634 -33.33 -2.95 -22.60
N VAL A 635 -33.93 -2.36 -23.60
CA VAL A 635 -33.38 -1.19 -24.27
C VAL A 635 -34.19 0.04 -23.94
N SER A 636 -33.53 1.11 -23.48
CA SER A 636 -34.20 2.34 -23.13
C SER A 636 -34.40 3.18 -24.38
N GLU A 637 -35.22 4.22 -24.32
CA GLU A 637 -35.47 5.07 -25.48
C GLU A 637 -34.21 5.81 -25.92
N LEU A 638 -33.20 5.90 -25.07
CA LEU A 638 -31.91 6.51 -25.39
C LEU A 638 -30.93 5.48 -25.92
N GLY A 639 -31.32 4.20 -25.97
CA GLY A 639 -30.44 3.15 -26.51
C GLY A 639 -29.51 2.59 -25.44
N ASP A 640 -29.77 2.83 -24.14
CA ASP A 640 -28.96 2.18 -23.11
C ASP A 640 -29.50 0.78 -22.87
N TRP A 641 -28.66 -0.10 -22.42
CA TRP A 641 -29.08 -1.47 -22.15
C TRP A 641 -29.21 -1.67 -20.64
N ILE A 642 -30.31 -2.28 -20.18
CA ILE A 642 -30.44 -2.57 -18.76
C ILE A 642 -30.54 -4.09 -18.62
N ALA A 643 -29.55 -4.63 -17.94
CA ALA A 643 -29.43 -6.08 -17.81
C ALA A 643 -29.49 -6.51 -16.34
N HIS A 644 -29.84 -7.77 -16.15
CA HIS A 644 -30.01 -8.29 -14.79
C HIS A 644 -29.24 -9.58 -14.64
N PRO A 645 -27.92 -9.50 -14.58
CA PRO A 645 -27.13 -10.73 -14.41
C PRO A 645 -27.52 -11.45 -13.14
N ALA A 646 -27.37 -12.78 -13.20
CA ALA A 646 -27.58 -13.62 -12.03
C ALA A 646 -26.57 -13.23 -10.97
N ILE A 647 -27.04 -12.99 -9.77
CA ILE A 647 -26.16 -12.72 -8.63
C ILE A 647 -26.69 -13.50 -7.43
N GLU A 648 -26.05 -14.59 -7.09
CA GLU A 648 -26.38 -15.32 -5.87
C GLU A 648 -25.23 -15.11 -4.91
N ILE A 649 -25.48 -14.65 -3.70
CA ILE A 649 -24.41 -14.53 -2.69
C ILE A 649 -24.64 -15.65 -1.68
N PRO A 650 -23.81 -16.69 -1.67
CA PRO A 650 -24.11 -17.86 -0.83
C PRO A 650 -23.68 -17.63 0.61
N HIS A 651 -24.24 -18.47 1.46
CA HIS A 651 -23.75 -18.63 2.79
C HIS A 651 -22.45 -19.39 2.69
N VAL A 652 -21.46 -18.95 3.45
CA VAL A 652 -20.23 -19.73 3.43
C VAL A 652 -19.94 -20.27 4.83
N GLN A 653 -19.65 -21.54 4.82
CA GLN A 653 -19.21 -22.21 6.03
C GLN A 653 -17.74 -22.58 5.86
N VAL A 654 -17.00 -22.24 6.91
CA VAL A 654 -15.60 -22.69 6.88
C VAL A 654 -15.35 -23.51 8.13
N PRO A 655 -14.31 -24.32 8.09
CA PRO A 655 -14.07 -25.20 9.24
C PRO A 655 -13.79 -24.37 10.50
N GLU A 656 -14.20 -24.94 11.63
CA GLU A 656 -13.84 -24.50 12.97
C GLU A 656 -12.39 -24.84 13.32
N LEU A 657 -11.54 -23.86 13.54
CA LEU A 657 -10.14 -24.16 13.86
C LEU A 657 -9.99 -24.92 15.17
N THR A 658 -10.90 -24.72 16.08
CA THR A 658 -10.70 -25.39 17.37
C THR A 658 -10.97 -26.89 17.24
N LYS A 659 -11.68 -27.30 16.18
CA LYS A 659 -11.97 -28.72 15.97
C LYS A 659 -10.95 -29.41 15.06
N LEU A 660 -9.94 -28.68 14.59
CA LEU A 660 -8.89 -29.37 13.82
C LEU A 660 -8.13 -30.35 14.68
N LYS A 661 -7.38 -31.21 14.05
CA LYS A 661 -6.53 -32.16 14.81
C LYS A 661 -5.16 -31.51 14.99
N TRP A 662 -4.95 -30.89 16.12
CA TRP A 662 -3.73 -30.14 16.42
C TRP A 662 -2.61 -31.06 16.93
N TYR A 663 -1.41 -30.81 16.43
CA TYR A 663 -0.21 -31.49 16.87
C TYR A 663 0.70 -30.46 17.51
N LYS A 664 1.45 -30.88 18.53
CA LYS A 664 2.33 -29.96 19.25
C LYS A 664 3.76 -30.45 19.29
N VAL A 665 4.69 -29.50 19.28
CA VAL A 665 6.10 -29.83 19.50
C VAL A 665 6.69 -28.76 20.43
N ASP A 666 7.53 -29.20 21.39
CA ASP A 666 8.27 -28.22 22.20
C ASP A 666 9.22 -27.46 21.32
N SER A 667 9.12 -26.14 21.35
CA SER A 667 10.06 -25.37 20.56
C SER A 667 11.06 -24.61 21.41
N LEU A 668 11.27 -25.09 22.64
CA LEU A 668 12.43 -24.65 23.41
C LEU A 668 13.15 -25.86 24.03
N PRO A 669 13.57 -26.81 23.19
CA PRO A 669 14.30 -27.97 23.71
C PRO A 669 15.67 -27.58 24.29
N GLU A 670 16.12 -26.36 23.95
CA GLU A 670 17.42 -25.86 24.39
C GLU A 670 17.56 -25.91 25.90
N ILE A 671 16.46 -25.76 26.65
CA ILE A 671 16.59 -25.60 28.08
C ILE A 671 16.56 -26.95 28.79
N ARG A 672 16.40 -28.03 28.06
CA ARG A 672 16.41 -29.35 28.69
C ARG A 672 17.84 -29.82 28.92
N SER A 673 18.08 -30.60 29.99
CA SER A 673 19.46 -30.92 30.35
CA SER A 673 19.49 -30.86 30.30
C SER A 673 20.15 -31.76 29.28
N ASN A 674 19.34 -32.46 28.46
CA ASN A 674 20.05 -33.31 27.48
C ASN A 674 20.42 -32.54 26.25
N TYR A 675 20.16 -31.25 26.15
CA TYR A 675 20.28 -30.57 24.86
C TYR A 675 21.74 -30.48 24.42
N ASP A 676 22.02 -30.81 23.17
CA ASP A 676 23.35 -30.66 22.58
C ASP A 676 23.36 -29.42 21.70
N ASP A 677 24.29 -28.47 21.93
CA ASP A 677 24.37 -27.30 21.07
C ASP A 677 25.69 -27.29 20.31
N SER A 678 26.34 -28.44 20.12
CA SER A 678 27.61 -28.53 19.42
C SER A 678 27.49 -28.00 18.01
N ARG A 679 26.34 -27.98 17.39
CA ARG A 679 26.23 -27.46 16.02
C ARG A 679 26.03 -25.97 15.93
N TRP A 680 25.79 -25.33 17.09
CA TRP A 680 25.47 -23.91 17.06
C TRP A 680 26.71 -23.08 16.71
N PRO A 681 26.51 -22.00 15.98
CA PRO A 681 27.58 -21.02 15.76
C PRO A 681 28.13 -20.46 17.05
N LEU A 682 29.46 -20.33 17.11
CA LEU A 682 30.10 -19.71 18.26
C LEU A 682 30.00 -18.21 18.14
N ALA A 683 29.67 -17.52 19.22
CA ALA A 683 29.66 -16.05 19.23
C ALA A 683 31.04 -15.64 19.74
N ASN A 684 32.04 -15.74 18.86
CA ASN A 684 33.40 -15.58 19.33
C ASN A 684 34.11 -14.45 18.60
N LEU A 685 33.41 -13.58 17.90
CA LEU A 685 34.03 -12.46 17.24
C LEU A 685 34.40 -11.38 18.23
N ARG A 686 35.69 -11.09 18.34
CA ARG A 686 36.10 -10.14 19.37
C ARG A 686 36.00 -8.67 18.93
N THR A 687 35.80 -8.50 17.62
CA THR A 687 35.57 -7.16 17.07
C THR A 687 34.33 -7.21 16.18
N SER A 688 33.80 -6.01 15.99
CA SER A 688 32.65 -5.79 15.12
C SER A 688 32.94 -4.67 14.12
N ASN A 689 32.35 -4.75 12.93
CA ASN A 689 32.42 -3.65 11.97
C ASN A 689 31.28 -2.68 12.18
N ASN A 690 30.41 -2.96 13.15
CA ASN A 690 29.27 -2.09 13.45
C ASN A 690 29.78 -0.80 14.09
N THR A 691 29.83 0.26 13.28
CA THR A 691 30.37 1.51 13.74
C THR A 691 29.31 2.31 14.45
N TYR A 692 28.04 1.93 14.39
CA TYR A 692 26.96 2.66 15.04
C TYR A 692 26.81 2.26 16.50
N ALA A 693 27.12 1.02 16.85
CA ALA A 693 26.97 0.51 18.20
C ALA A 693 28.27 -0.21 18.58
N PRO A 694 29.30 0.52 18.93
CA PRO A 694 30.59 -0.09 19.31
C PRO A 694 30.39 -1.11 20.40
N LEU A 695 31.17 -2.19 20.37
CA LEU A 695 30.93 -3.27 21.33
C LEU A 695 31.18 -2.82 22.76
N LYS A 696 30.30 -3.22 23.64
CA LYS A 696 30.47 -3.11 25.09
C LYS A 696 30.89 -4.44 25.72
N THR A 697 30.78 -5.53 24.94
CA THR A 697 30.99 -6.88 25.40
C THR A 697 32.30 -7.41 24.83
N PRO A 698 32.88 -8.43 25.45
CA PRO A 698 34.14 -8.96 24.91
C PRO A 698 34.01 -9.67 23.57
N VAL A 699 32.83 -10.14 23.21
CA VAL A 699 32.55 -10.69 21.88
C VAL A 699 31.28 -10.06 21.38
N SER A 700 31.11 -9.97 20.07
CA SER A 700 29.85 -9.48 19.52
C SER A 700 28.72 -10.45 19.82
N LEU A 701 27.60 -9.90 20.28
CA LEU A 701 26.34 -10.65 20.41
C LEU A 701 25.26 -9.98 19.59
N TYR A 702 25.68 -9.45 18.45
CA TYR A 702 24.77 -8.81 17.49
C TYR A 702 24.41 -9.83 16.42
N GLY A 703 23.12 -10.14 16.21
CA GLY A 703 22.78 -11.16 15.24
C GLY A 703 23.38 -10.94 13.86
N SER A 704 23.33 -9.67 13.38
CA SER A 704 23.72 -9.45 11.99
C SER A 704 25.22 -9.63 11.82
N ASP A 705 26.00 -9.55 12.88
CA ASP A 705 27.44 -9.78 12.75
C ASP A 705 27.72 -11.22 12.41
N TYR A 706 26.79 -12.14 12.62
CA TYR A 706 26.95 -13.56 12.33
C TYR A 706 26.01 -14.01 11.20
N GLY A 707 25.39 -13.03 10.52
CA GLY A 707 24.55 -13.40 9.38
C GLY A 707 23.09 -13.61 9.68
N PHE A 708 22.63 -13.26 10.89
CA PHE A 708 21.25 -13.50 11.29
C PHE A 708 20.50 -12.15 11.30
N HIS A 709 19.59 -11.97 10.37
CA HIS A 709 18.95 -10.66 10.19
C HIS A 709 17.45 -10.66 10.44
N ALA A 710 16.87 -11.82 10.68
CA ALA A 710 15.42 -11.98 10.63
C ALA A 710 14.90 -12.74 11.87
N GLY A 711 13.82 -12.23 12.44
CA GLY A 711 13.09 -12.97 13.46
C GLY A 711 13.85 -13.19 14.74
N THR A 712 13.40 -14.24 15.47
CA THR A 712 13.86 -14.39 16.83
C THR A 712 15.28 -14.95 16.87
N LEU A 713 16.09 -14.43 17.80
CA LEU A 713 17.44 -14.90 18.05
C LEU A 713 17.52 -15.64 19.39
N LEU A 714 18.45 -16.58 19.48
CA LEU A 714 18.74 -17.25 20.73
C LEU A 714 20.23 -17.18 21.03
N PHE A 715 20.55 -17.05 22.30
CA PHE A 715 21.92 -17.02 22.77
C PHE A 715 22.08 -18.03 23.88
N ARG A 716 23.22 -18.71 23.92
CA ARG A 716 23.49 -19.66 25.02
C ARG A 716 24.84 -19.27 25.63
N GLY A 717 24.79 -18.89 26.89
CA GLY A 717 25.98 -18.45 27.57
C GLY A 717 26.42 -19.41 28.66
N ARG A 718 27.62 -19.96 28.54
CA ARG A 718 28.16 -20.88 29.54
C ARG A 718 29.01 -20.14 30.58
N PHE A 719 28.82 -20.45 31.85
CA PHE A 719 29.71 -19.94 32.86
C PHE A 719 29.93 -20.99 33.94
N THR A 720 30.98 -20.81 34.73
CA THR A 720 31.18 -21.68 35.92
C THR A 720 30.86 -20.89 37.14
N ALA A 721 29.98 -21.43 37.98
CA ALA A 721 29.59 -20.68 39.16
C ALA A 721 30.76 -20.45 40.07
N ARG A 722 30.94 -19.21 40.54
CA ARG A 722 31.96 -18.88 41.52
C ARG A 722 31.41 -18.79 42.92
N THR A 723 30.19 -18.31 43.06
CA THR A 723 29.48 -18.28 44.35
C THR A 723 28.06 -18.83 44.16
N ALA A 724 27.45 -19.18 45.29
CA ALA A 724 26.11 -19.77 45.19
C ALA A 724 25.08 -18.79 44.67
N ARG A 725 25.29 -17.50 44.91
CA ARG A 725 24.40 -16.51 44.34
C ARG A 725 25.21 -15.58 43.45
N GLN A 726 24.70 -15.31 42.23
CA GLN A 726 25.36 -14.41 41.29
C GLN A 726 24.31 -13.43 40.80
N GLN A 727 24.81 -12.30 40.31
CA GLN A 727 23.92 -11.27 39.83
C GLN A 727 24.19 -11.12 38.34
N LEU A 728 23.12 -11.17 37.56
CA LEU A 728 23.23 -11.01 36.12
C LEU A 728 22.53 -9.73 35.65
N PHE A 729 23.23 -8.94 34.88
CA PHE A 729 22.72 -7.75 34.22
C PHE A 729 22.69 -8.12 32.76
N LEU A 730 21.58 -7.92 32.10
CA LEU A 730 21.47 -8.24 30.69
C LEU A 730 20.73 -7.15 29.93
N SER A 731 21.41 -6.55 28.95
CA SER A 731 20.83 -5.52 28.11
C SER A 731 20.53 -6.11 26.76
N THR A 732 19.24 -6.20 26.44
CA THR A 732 18.83 -6.79 25.16
C THR A 732 18.21 -5.77 24.25
N GLN A 733 18.20 -6.03 22.94
CA GLN A 733 17.64 -5.08 22.00
C GLN A 733 17.02 -5.88 20.87
N GLY A 734 15.73 -5.66 20.63
CA GLY A 734 15.05 -6.38 19.55
C GLY A 734 14.25 -5.47 18.62
N GLY A 735 14.29 -4.15 18.81
CA GLY A 735 13.38 -3.30 18.03
C GLY A 735 12.09 -3.05 18.83
N SER A 736 11.37 -2.00 18.48
CA SER A 736 10.14 -1.67 19.22
C SER A 736 9.24 -2.91 19.38
N ALA A 737 8.69 -3.04 20.59
CA ALA A 737 7.72 -4.11 20.89
C ALA A 737 8.35 -5.48 20.91
N PHE A 738 9.67 -5.58 21.03
CA PHE A 738 10.31 -6.90 21.17
C PHE A 738 10.06 -7.41 22.59
N ALA A 739 10.48 -8.66 22.81
CA ALA A 739 10.52 -9.21 24.18
C ALA A 739 11.74 -10.12 24.27
N SER A 740 12.10 -10.49 25.49
CA SER A 740 13.19 -11.43 25.68
CA SER A 740 13.20 -11.39 25.72
C SER A 740 12.89 -12.29 26.92
N SER A 741 13.35 -13.51 26.93
CA SER A 741 13.12 -14.43 28.04
C SER A 741 14.45 -15.13 28.37
N VAL A 742 14.64 -15.47 29.63
CA VAL A 742 15.92 -16.03 30.13
C VAL A 742 15.67 -17.27 30.99
N TRP A 743 16.40 -18.33 30.71
CA TRP A 743 16.46 -19.53 31.55
C TRP A 743 17.90 -19.77 31.97
N LEU A 744 18.04 -20.34 33.14
CA LEU A 744 19.31 -20.85 33.68
C LEU A 744 19.16 -22.36 33.70
N ASN A 745 19.89 -23.09 32.83
CA ASN A 745 19.60 -24.50 32.61
C ASN A 745 18.12 -24.62 32.27
N ASP A 746 17.35 -25.43 33.03
CA ASP A 746 15.89 -25.53 32.74
C ASP A 746 15.06 -24.65 33.66
N ARG A 747 15.69 -23.79 34.47
CA ARG A 747 14.97 -22.92 35.40
C ARG A 747 14.63 -21.58 34.77
N PHE A 748 13.35 -21.23 34.73
CA PHE A 748 12.94 -19.94 34.18
C PHE A 748 13.42 -18.85 35.15
N ILE A 749 14.09 -17.85 34.57
CA ILE A 749 14.59 -16.73 35.39
C ILE A 749 13.69 -15.54 35.19
N GLY A 750 13.31 -15.17 33.98
CA GLY A 750 12.48 -13.97 33.86
C GLY A 750 12.34 -13.57 32.40
N SER A 751 11.38 -12.69 32.16
CA SER A 751 11.19 -12.12 30.84
C SER A 751 11.09 -10.59 30.92
N PHE A 752 11.61 -9.96 29.88
CA PHE A 752 11.18 -8.59 29.57
C PHE A 752 9.97 -8.71 28.67
N THR A 753 8.80 -8.33 29.18
CA THR A 753 7.61 -8.67 28.39
C THR A 753 7.24 -7.66 27.29
N GLY A 754 7.91 -6.52 27.27
CA GLY A 754 7.85 -5.63 26.12
C GLY A 754 6.74 -4.62 26.22
N PHE A 755 6.88 -3.53 25.48
CA PHE A 755 5.82 -2.55 25.29
C PHE A 755 6.14 -1.72 24.04
N ASP A 756 5.12 -1.00 23.58
CA ASP A 756 5.25 -0.32 22.28
C ASP A 756 6.47 0.58 22.21
N ALA A 757 6.79 1.28 23.28
CA ALA A 757 7.85 2.28 23.27
C ALA A 757 9.21 1.72 23.60
N ALA A 758 9.36 0.41 23.82
CA ALA A 758 10.69 -0.10 24.17
C ALA A 758 11.28 -0.89 23.03
N SER A 759 12.46 -0.48 22.60
CA SER A 759 13.18 -1.25 21.58
C SER A 759 14.35 -1.97 22.22
N ALA A 760 14.65 -1.64 23.49
CA ALA A 760 15.77 -2.32 24.19
C ALA A 760 15.34 -2.40 25.64
N ALA A 761 16.00 -3.19 26.43
CA ALA A 761 15.68 -3.35 27.84
C ALA A 761 16.95 -3.70 28.64
N ASN A 762 17.02 -3.11 29.83
CA ASN A 762 18.02 -3.45 30.83
C ASN A 762 17.30 -4.32 31.84
N SER A 763 17.75 -5.55 32.00
CA SER A 763 17.18 -6.42 33.00
C SER A 763 18.23 -6.88 33.98
N SER A 764 17.85 -7.02 35.24
CA SER A 764 18.71 -7.53 36.28
C SER A 764 18.07 -8.74 36.94
N TYR A 765 18.81 -9.82 37.05
CA TYR A 765 18.29 -11.05 37.57
C TYR A 765 19.26 -11.60 38.59
N THR A 766 18.75 -12.31 39.61
CA THR A 766 19.60 -13.03 40.52
C THR A 766 19.63 -14.50 40.09
N LEU A 767 20.83 -15.05 40.05
CA LEU A 767 20.99 -16.47 39.75
C LEU A 767 21.39 -17.11 41.08
N ASP A 768 20.41 -17.72 41.74
CA ASP A 768 20.65 -18.22 43.08
C ASP A 768 20.77 -19.73 43.16
N ARG A 769 21.28 -20.24 44.29
CA ARG A 769 21.27 -21.66 44.59
C ARG A 769 22.16 -22.42 43.61
N LEU A 770 23.27 -21.79 43.23
CA LEU A 770 24.23 -22.44 42.32
C LEU A 770 25.25 -23.29 43.10
N VAL A 771 25.71 -24.34 42.43
CA VAL A 771 26.76 -25.20 42.98
C VAL A 771 28.11 -24.63 42.54
N ARG A 772 28.91 -24.18 43.49
CA ARG A 772 30.20 -23.61 43.08
C ARG A 772 31.02 -24.59 42.25
N GLY A 773 31.65 -24.04 41.20
CA GLY A 773 32.43 -24.93 40.35
C GLY A 773 31.69 -25.64 39.24
N ARG A 774 30.35 -25.62 39.25
CA ARG A 774 29.57 -26.31 38.24
C ARG A 774 29.34 -25.37 37.08
N ARG A 775 29.26 -25.89 35.87
CA ARG A 775 28.93 -25.13 34.69
C ARG A 775 27.42 -25.04 34.52
N TYR A 776 26.98 -23.85 34.18
CA TYR A 776 25.61 -23.52 33.91
C TYR A 776 25.46 -22.90 32.53
N ILE A 777 24.27 -23.01 31.96
CA ILE A 777 24.04 -22.42 30.63
C ILE A 777 22.82 -21.49 30.69
N LEU A 778 23.04 -20.25 30.37
CA LEU A 778 21.94 -19.30 30.21
C LEU A 778 21.40 -19.41 28.81
N THR A 779 20.10 -19.56 28.66
CA THR A 779 19.48 -19.48 27.34
C THR A 779 18.68 -18.19 27.32
N VAL A 780 19.00 -17.32 26.35
CA VAL A 780 18.38 -16.01 26.26
C VAL A 780 17.67 -15.95 24.90
N VAL A 781 16.37 -15.75 24.86
CA VAL A 781 15.62 -15.64 23.62
C VAL A 781 15.34 -14.15 23.44
N VAL A 782 15.65 -13.60 22.27
CA VAL A 782 15.46 -12.19 22.01
C VAL A 782 14.68 -12.06 20.70
N ASP A 783 13.43 -11.63 20.78
CA ASP A 783 12.73 -11.45 19.52
C ASP A 783 13.26 -10.24 18.78
N SER A 784 13.09 -10.18 17.48
CA SER A 784 13.33 -8.98 16.70
C SER A 784 12.08 -8.64 15.93
N THR A 785 11.67 -7.38 15.99
CA THR A 785 10.49 -6.99 15.17
C THR A 785 10.96 -6.36 13.87
N GLY A 786 12.22 -6.54 13.52
CA GLY A 786 12.76 -6.09 12.22
C GLY A 786 13.94 -5.17 12.45
N LEU A 787 14.62 -4.76 11.40
CA LEU A 787 15.72 -3.79 11.51
C LEU A 787 15.16 -2.40 11.26
N ASP A 788 15.71 -1.41 11.95
CA ASP A 788 15.19 -0.06 11.82
C ASP A 788 15.48 0.51 10.43
N GLU A 789 14.67 1.51 10.06
CA GLU A 789 14.91 2.35 8.91
C GLU A 789 16.13 3.26 9.11
N ASN A 790 16.46 3.96 8.01
CA ASN A 790 17.65 4.81 7.96
C ASN A 790 17.30 6.09 7.22
N TRP A 791 16.26 6.76 7.73
CA TRP A 791 15.68 7.89 7.01
C TRP A 791 16.55 9.11 7.00
N THR A 792 17.45 9.29 7.95
CA THR A 792 18.31 10.49 8.01
C THR A 792 19.72 10.04 7.60
N THR A 793 20.15 10.46 6.44
CA THR A 793 21.50 10.16 5.95
C THR A 793 22.54 10.64 6.95
N GLY A 794 23.48 9.78 7.32
CA GLY A 794 24.55 10.18 8.23
C GLY A 794 24.26 9.72 9.64
N ASP A 795 23.04 9.28 9.89
CA ASP A 795 22.64 8.66 11.14
C ASP A 795 22.40 7.21 10.76
N ASP A 796 23.29 6.34 11.06
CA ASP A 796 23.22 4.94 10.60
C ASP A 796 22.23 4.13 11.43
N SER A 797 21.01 4.65 11.61
CA SER A 797 20.07 3.98 12.49
C SER A 797 19.69 2.57 12.07
N MET A 798 19.81 2.24 10.79
CA MET A 798 19.52 0.83 10.39
C MET A 798 20.52 -0.14 11.02
N LYS A 799 21.69 0.38 11.45
CA LYS A 799 22.70 -0.49 12.05
C LYS A 799 22.39 -0.81 13.50
N ALA A 800 21.27 -0.35 14.07
CA ALA A 800 20.97 -0.74 15.46
C ALA A 800 20.94 -2.26 15.58
N PRO A 801 21.78 -2.86 16.39
CA PRO A 801 21.85 -4.34 16.40
C PRO A 801 20.66 -4.98 17.07
N ARG A 802 20.63 -6.29 16.88
CA ARG A 802 19.62 -7.14 17.55
C ARG A 802 20.36 -8.17 18.34
N GLY A 803 19.99 -8.39 19.60
CA GLY A 803 20.65 -9.39 20.40
C GLY A 803 20.97 -8.79 21.77
N ILE A 804 22.19 -9.05 22.23
CA ILE A 804 22.61 -8.62 23.56
C ILE A 804 23.60 -7.49 23.39
N LEU A 805 23.22 -6.31 23.92
CA LEU A 805 24.09 -5.13 23.83
C LEU A 805 25.14 -5.15 24.91
N ASP A 806 24.85 -5.69 26.08
CA ASP A 806 25.79 -5.61 27.19
C ASP A 806 25.33 -6.63 28.22
N TYR A 807 26.23 -7.06 29.07
CA TYR A 807 25.89 -7.91 30.19
C TYR A 807 27.00 -7.80 31.24
N ALA A 808 26.64 -8.28 32.43
CA ALA A 808 27.65 -8.37 33.48
C ALA A 808 27.16 -9.49 34.40
N LEU A 809 28.03 -10.41 34.72
CA LEU A 809 27.69 -11.49 35.67
C LEU A 809 28.68 -11.35 36.81
N THR A 810 28.19 -11.21 38.04
CA THR A 810 29.09 -10.95 39.15
C THR A 810 28.79 -11.96 40.27
N SER A 811 29.87 -12.35 40.96
CA SER A 811 29.71 -13.19 42.10
C SER A 811 29.25 -12.34 43.28
N SER A 812 28.92 -13.07 44.36
CA SER A 812 28.40 -12.34 45.53
C SER A 812 29.49 -11.55 46.21
N SER A 813 30.75 -11.65 45.79
CA SER A 813 31.80 -10.81 46.33
C SER A 813 32.14 -9.69 45.35
N GLY A 814 31.43 -9.65 44.24
CA GLY A 814 31.66 -8.63 43.24
C GLY A 814 32.59 -9.05 42.13
N ALA A 815 33.12 -10.26 42.15
CA ALA A 815 34.06 -10.61 41.07
C ALA A 815 33.33 -10.75 39.75
N ASN A 816 33.98 -10.41 38.64
CA ASN A 816 33.35 -10.68 37.37
C ASN A 816 33.46 -12.15 36.95
N VAL A 817 32.42 -12.72 36.39
CA VAL A 817 32.37 -14.11 35.98
C VAL A 817 32.23 -14.12 34.48
N SER A 818 33.16 -14.79 33.79
CA SER A 818 33.17 -14.81 32.33
C SER A 818 32.07 -15.71 31.80
N ILE A 819 31.51 -15.34 30.66
CA ILE A 819 30.51 -16.14 29.94
C ILE A 819 31.04 -16.33 28.53
N SER A 820 30.98 -17.58 28.06
CA SER A 820 31.29 -17.89 26.65
C SER A 820 29.98 -18.20 25.96
N TRP A 821 29.87 -17.76 24.68
CA TRP A 821 28.57 -17.70 24.04
C TRP A 821 28.47 -18.46 22.73
N LYS A 822 27.27 -18.94 22.45
CA LYS A 822 26.87 -19.42 21.13
C LYS A 822 25.56 -18.68 20.79
N LEU A 823 25.24 -18.63 19.48
CA LEU A 823 23.99 -17.94 19.10
C LEU A 823 23.41 -18.58 17.87
N THR A 824 22.11 -18.32 17.65
CA THR A 824 21.53 -18.62 16.36
C THR A 824 20.37 -17.65 16.05
N GLY A 825 20.23 -17.42 14.74
CA GLY A 825 18.99 -16.95 14.17
C GLY A 825 18.51 -18.05 13.19
N ASN A 826 17.94 -17.63 12.05
CA ASN A 826 17.41 -18.62 11.09
C ASN A 826 18.56 -19.57 10.70
N LEU A 827 18.21 -20.82 10.52
CA LEU A 827 19.23 -21.81 10.21
C LEU A 827 19.99 -21.40 8.94
N GLY A 828 21.33 -21.38 9.04
CA GLY A 828 22.13 -21.07 7.86
C GLY A 828 22.46 -19.59 7.76
N GLY A 829 21.71 -18.72 8.48
CA GLY A 829 21.94 -17.29 8.36
C GLY A 829 21.76 -16.82 6.91
N GLU A 830 22.78 -16.20 6.31
CA GLU A 830 22.69 -15.72 4.93
C GLU A 830 22.66 -16.88 3.97
N ASP A 831 23.11 -18.05 4.36
CA ASP A 831 22.85 -19.29 3.56
C ASP A 831 21.49 -19.82 3.99
N TYR A 832 20.45 -18.99 3.80
CA TYR A 832 19.14 -19.36 4.36
C TYR A 832 18.55 -20.56 3.65
N ARG A 833 17.71 -21.32 4.34
CA ARG A 833 17.31 -22.63 3.82
C ARG A 833 16.13 -22.58 2.89
N ASP A 834 15.27 -21.58 2.93
CA ASP A 834 14.06 -21.58 2.09
C ASP A 834 14.20 -20.60 0.95
N VAL A 835 14.78 -21.07 -0.16
CA VAL A 835 14.96 -20.13 -1.27
C VAL A 835 13.62 -19.69 -1.81
N PHE A 836 12.59 -20.53 -1.75
CA PHE A 836 11.31 -20.14 -2.31
C PHE A 836 10.66 -19.01 -1.51
N ARG A 837 10.69 -19.10 -0.19
CA ARG A 837 9.98 -18.10 0.65
C ARG A 837 10.89 -16.95 1.06
N GLY A 838 12.17 -17.01 0.76
CA GLY A 838 13.03 -15.85 0.88
C GLY A 838 13.76 -15.77 2.21
N PRO A 839 14.62 -14.75 2.30
CA PRO A 839 15.62 -14.69 3.36
C PRO A 839 15.06 -14.27 4.72
N LEU A 840 13.86 -13.74 4.83
CA LEU A 840 13.38 -13.17 6.10
C LEU A 840 12.26 -14.01 6.71
N ASN A 841 11.67 -14.94 5.95
CA ASN A 841 10.47 -15.64 6.41
C ASN A 841 10.62 -16.34 7.74
N GLU A 842 11.76 -17.03 7.92
CA GLU A 842 12.01 -17.75 9.15
C GLU A 842 12.88 -17.00 10.14
N GLY A 843 12.53 -17.08 11.40
CA GLY A 843 13.47 -16.68 12.46
C GLY A 843 14.22 -17.89 13.01
N GLY A 844 14.74 -17.74 14.24
CA GLY A 844 15.65 -18.70 14.81
C GLY A 844 14.98 -19.69 15.78
N LEU A 845 13.67 -19.65 15.99
CA LEU A 845 13.12 -20.59 16.95
C LEU A 845 13.29 -22.04 16.45
N PHE A 846 13.41 -22.99 17.40
CA PHE A 846 13.71 -24.36 17.04
C PHE A 846 12.77 -24.88 15.97
N PHE A 847 11.47 -24.66 16.09
CA PHE A 847 10.59 -25.27 15.05
C PHE A 847 10.89 -24.71 13.66
N GLU A 848 11.25 -23.41 13.57
CA GLU A 848 11.58 -22.80 12.27
C GLU A 848 12.89 -23.39 11.71
N ARG A 849 13.89 -23.53 12.62
CA ARG A 849 15.16 -24.04 12.16
C ARG A 849 14.99 -25.44 11.58
N GLN A 850 14.09 -26.24 12.13
CA GLN A 850 13.92 -27.62 11.65
C GLN A 850 13.04 -27.64 10.39
N GLY A 851 12.37 -26.56 10.06
CA GLY A 851 11.44 -26.62 8.91
C GLY A 851 10.07 -27.15 9.32
N PHE A 852 9.76 -27.24 10.62
CA PHE A 852 8.49 -27.82 11.07
C PHE A 852 7.31 -26.94 10.77
N HIS A 853 7.49 -25.69 10.37
CA HIS A 853 6.44 -24.82 9.88
C HIS A 853 6.05 -25.09 8.44
N LEU A 854 6.74 -25.97 7.75
CA LEU A 854 6.46 -26.18 6.35
C LEU A 854 5.32 -27.18 6.13
N PRO A 855 4.69 -27.14 4.96
CA PRO A 855 3.56 -28.07 4.73
C PRO A 855 3.99 -29.51 4.91
N SER A 856 3.05 -30.33 5.39
CA SER A 856 3.28 -31.77 5.59
C SER A 856 4.47 -32.05 6.53
N PRO A 857 4.41 -31.52 7.74
CA PRO A 857 5.53 -31.68 8.68
C PRO A 857 5.60 -33.11 9.19
N PRO A 858 6.74 -33.47 9.79
CA PRO A 858 6.92 -34.87 10.26
C PRO A 858 6.15 -35.12 11.54
N LEU A 859 4.92 -35.62 11.43
CA LEU A 859 4.07 -35.63 12.63
C LEU A 859 4.60 -36.55 13.71
N SER A 860 5.46 -37.52 13.37
CA SER A 860 6.04 -38.36 14.41
C SER A 860 6.92 -37.59 15.38
N ASP A 861 7.30 -36.37 15.00
CA ASP A 861 8.12 -35.55 15.89
C ASP A 861 7.24 -34.71 16.81
N PHE A 862 5.95 -34.75 16.57
CA PHE A 862 4.98 -33.99 17.35
C PHE A 862 4.19 -34.93 18.26
N THR A 863 3.39 -34.36 19.14
CA THR A 863 2.51 -35.07 20.05
C THR A 863 1.07 -34.70 19.72
N HIS A 864 0.13 -35.59 19.91
CA HIS A 864 -1.28 -35.30 19.74
C HIS A 864 -1.99 -35.83 20.99
N GLY A 865 -2.91 -35.05 21.54
CA GLY A 865 -3.74 -35.55 22.64
C GLY A 865 -5.01 -34.69 22.72
N PRO A 866 -5.94 -35.22 23.50
CA PRO A 866 -7.28 -34.67 23.56
C PRO A 866 -7.35 -33.23 24.06
N SER A 867 -8.10 -32.37 23.37
CA SER A 867 -8.22 -31.00 23.86
C SER A 867 -8.94 -31.01 25.22
N SER A 868 -8.50 -30.06 26.03
CA SER A 868 -8.96 -29.79 27.39
C SER A 868 -8.57 -30.87 28.38
N SER A 869 -7.68 -31.77 27.93
CA SER A 869 -7.06 -32.82 28.72
C SER A 869 -5.64 -32.41 29.08
N SER A 870 -5.04 -33.09 30.06
CA SER A 870 -3.70 -32.66 30.46
C SER A 870 -2.67 -33.00 29.38
N SER A 871 -3.08 -33.80 28.39
CA SER A 871 -2.26 -34.19 27.26
C SER A 871 -2.66 -33.44 25.99
N SER A 872 -3.35 -32.32 26.20
CA SER A 872 -3.80 -31.57 25.03
C SER A 872 -2.68 -31.07 24.16
N SER A 873 -2.86 -31.18 22.87
CA SER A 873 -1.89 -30.65 21.92
C SER A 873 -2.47 -29.48 21.16
N SER A 874 -3.44 -28.78 21.70
CA SER A 874 -4.02 -27.63 21.02
C SER A 874 -3.53 -26.29 21.55
N PRO A 875 -3.37 -25.31 20.69
CA PRO A 875 -2.95 -23.97 21.17
C PRO A 875 -4.03 -23.35 22.07
N LEU A 876 -5.28 -23.82 21.97
CA LEU A 876 -6.33 -23.31 22.84
C LEU A 876 -6.12 -23.75 24.29
N ASP A 877 -5.36 -24.80 24.51
CA ASP A 877 -5.04 -25.23 25.87
C ASP A 877 -3.67 -24.69 26.30
N GLY A 878 -2.75 -24.54 25.37
CA GLY A 878 -1.46 -23.92 25.62
C GLY A 878 -0.60 -24.71 26.61
N ILE A 879 0.17 -23.95 27.37
CA ILE A 879 1.25 -24.48 28.21
C ILE A 879 1.18 -23.82 29.58
N ALA A 880 1.64 -24.58 30.56
CA ALA A 880 1.47 -24.14 31.95
C ALA A 880 2.73 -23.58 32.58
N HIS A 881 3.74 -23.28 31.78
CA HIS A 881 4.99 -22.72 32.25
C HIS A 881 5.51 -21.77 31.19
N ALA A 882 6.46 -20.93 31.56
CA ALA A 882 7.12 -20.13 30.52
C ALA A 882 7.77 -21.07 29.52
N GLY A 883 7.79 -20.67 28.24
CA GLY A 883 8.41 -21.57 27.25
C GLY A 883 7.78 -21.30 25.90
N ILE A 884 8.09 -22.17 24.95
CA ILE A 884 7.67 -21.92 23.56
C ILE A 884 7.25 -23.25 22.97
N ALA A 885 6.03 -23.30 22.46
CA ALA A 885 5.53 -24.51 21.80
C ALA A 885 5.09 -24.18 20.39
N PHE A 886 5.14 -25.15 19.50
CA PHE A 886 4.63 -24.90 18.16
C PHE A 886 3.52 -25.92 17.88
N TYR A 887 2.47 -25.42 17.29
CA TYR A 887 1.26 -26.19 16.99
C TYR A 887 1.02 -26.22 15.49
N ALA A 888 0.69 -27.39 14.95
CA ALA A 888 0.42 -27.50 13.53
C ALA A 888 -0.87 -28.29 13.31
N ALA A 889 -1.61 -27.92 12.26
CA ALA A 889 -2.84 -28.66 11.94
C ALA A 889 -3.11 -28.58 10.46
N LYS A 890 -3.72 -29.61 9.90
CA LYS A 890 -4.18 -29.57 8.55
C LYS A 890 -5.55 -28.89 8.50
N LEU A 891 -5.70 -27.97 7.55
CA LEU A 891 -6.93 -27.23 7.34
C LEU A 891 -7.37 -27.47 5.92
N PRO A 892 -8.29 -28.40 5.68
CA PRO A 892 -8.84 -28.58 4.34
C PRO A 892 -9.81 -27.45 4.05
N LEU A 893 -9.78 -26.90 2.85
CA LEU A 893 -10.77 -25.92 2.44
C LEU A 893 -11.39 -26.35 1.15
N HIS A 894 -12.68 -26.18 0.92
CA HIS A 894 -13.37 -26.56 -0.30
C HIS A 894 -14.40 -25.45 -0.55
N LEU A 895 -13.92 -24.32 -1.03
CA LEU A 895 -14.71 -23.13 -1.24
C LEU A 895 -14.85 -22.84 -2.73
N PRO A 896 -15.94 -22.20 -3.17
CA PRO A 896 -16.18 -21.94 -4.60
C PRO A 896 -15.38 -20.75 -5.14
N ALA A 897 -14.07 -20.92 -5.13
CA ALA A 897 -13.11 -19.84 -5.50
C ALA A 897 -13.13 -19.53 -6.98
N GLN A 898 -13.56 -20.47 -7.83
CA GLN A 898 -13.74 -20.18 -9.22
C GLN A 898 -14.77 -19.06 -9.43
N GLU A 899 -15.87 -19.10 -8.70
CA GLU A 899 -16.97 -18.15 -8.89
C GLU A 899 -16.93 -17.00 -7.92
N TYR A 900 -16.31 -17.14 -6.76
CA TYR A 900 -16.41 -16.12 -5.73
C TYR A 900 -15.03 -15.78 -5.16
N ASP A 901 -14.89 -14.51 -4.84
CA ASP A 901 -13.73 -14.02 -4.03
C ASP A 901 -14.21 -14.01 -2.58
N ILE A 902 -13.64 -14.83 -1.73
CA ILE A 902 -14.07 -14.95 -0.33
C ILE A 902 -12.86 -14.68 0.53
N PRO A 903 -12.62 -13.47 1.00
CA PRO A 903 -11.49 -13.18 1.87
C PRO A 903 -11.54 -13.93 3.21
N LEU A 904 -10.40 -14.54 3.56
CA LEU A 904 -10.29 -15.29 4.82
C LEU A 904 -9.27 -14.68 5.74
N SER A 905 -9.49 -14.78 7.07
CA SER A 905 -8.52 -14.25 7.99
C SER A 905 -8.56 -15.07 9.25
N PHE A 906 -7.50 -15.04 9.99
CA PHE A 906 -7.34 -15.76 11.25
C PHE A 906 -7.50 -14.79 12.39
N VAL A 907 -8.42 -15.08 13.33
CA VAL A 907 -8.71 -14.10 14.37
C VAL A 907 -8.39 -14.64 15.76
N PHE A 908 -7.54 -13.96 16.50
CA PHE A 908 -7.21 -14.31 17.87
C PHE A 908 -8.17 -13.53 18.79
N ASP A 909 -8.67 -14.25 19.80
CA ASP A 909 -9.50 -13.61 20.82
C ASP A 909 -8.61 -12.97 21.88
N ASN A 910 -8.77 -11.70 22.19
CA ASN A 910 -7.88 -11.11 23.19
C ASN A 910 -8.63 -10.94 24.50
N ALA A 911 -8.35 -11.88 25.43
CA ALA A 911 -9.04 -11.98 26.71
C ALA A 911 -8.35 -11.17 27.82
N THR A 912 -9.04 -10.17 28.33
CA THR A 912 -8.48 -9.05 29.07
C THR A 912 -7.64 -9.62 30.18
N ALA A 913 -8.24 -10.68 30.77
CA ALA A 913 -7.37 -11.13 31.86
C ALA A 913 -6.71 -12.40 31.36
N ALA A 914 -5.51 -12.17 30.79
CA ALA A 914 -4.81 -13.38 30.41
C ALA A 914 -3.31 -13.08 30.40
N ALA A 915 -2.57 -14.08 30.85
CA ALA A 915 -1.11 -14.05 30.82
C ALA A 915 -0.62 -13.71 29.40
N PRO A 916 0.45 -12.92 29.39
CA PRO A 916 0.99 -12.43 28.12
C PRO A 916 1.70 -13.47 27.28
N TYR A 917 1.48 -13.40 25.95
CA TYR A 917 2.19 -14.29 25.06
C TYR A 917 2.40 -13.61 23.69
N ARG A 918 3.34 -14.24 23.00
CA ARG A 918 3.60 -13.84 21.61
C ARG A 918 3.29 -15.05 20.75
N ALA A 919 2.72 -14.87 19.60
CA ALA A 919 2.45 -16.02 18.73
C ALA A 919 2.89 -15.65 17.31
N LEU A 920 3.27 -16.65 16.56
CA LEU A 920 3.55 -16.54 15.13
C LEU A 920 2.53 -17.43 14.39
N LEU A 921 2.01 -16.88 13.30
CA LEU A 921 1.04 -17.59 12.47
C LEU A 921 1.72 -18.03 11.17
N TYR A 922 1.67 -19.29 10.80
CA TYR A 922 2.18 -19.78 9.54
C TYR A 922 1.05 -20.40 8.76
N VAL A 923 1.08 -20.13 7.47
CA VAL A 923 0.13 -20.76 6.53
C VAL A 923 0.92 -21.33 5.38
N ASN A 924 0.93 -22.63 5.18
CA ASN A 924 1.66 -23.32 4.14
C ASN A 924 3.09 -22.84 4.07
N GLY A 925 3.65 -22.68 5.27
CA GLY A 925 5.07 -22.36 5.42
C GLY A 925 5.38 -20.86 5.40
N PHE A 926 4.43 -20.03 4.98
CA PHE A 926 4.62 -18.58 4.99
C PHE A 926 4.23 -17.99 6.34
N GLN A 927 5.14 -17.19 6.90
CA GLN A 927 4.73 -16.53 8.19
C GLN A 927 3.85 -15.35 7.84
N TYR A 928 2.62 -15.37 8.37
CA TYR A 928 1.59 -14.40 8.05
C TYR A 928 1.06 -13.73 9.30
N GLY A 929 1.87 -13.70 10.36
CA GLY A 929 1.37 -12.90 11.50
C GLY A 929 2.31 -13.03 12.71
N LYS A 930 2.55 -11.89 13.32
CA LYS A 930 3.17 -11.81 14.61
C LYS A 930 2.12 -11.16 15.50
N TYR A 931 1.68 -11.94 16.48
CA TYR A 931 0.64 -11.54 17.41
C TYR A 931 1.28 -11.31 18.77
N VAL A 932 0.99 -10.17 19.39
CA VAL A 932 1.63 -9.84 20.64
C VAL A 932 0.52 -9.46 21.60
N SER A 933 0.22 -10.40 22.51
CA SER A 933 -1.08 -10.32 23.20
C SER A 933 -1.14 -9.13 24.15
N ASN A 934 0.03 -8.68 24.65
CA ASN A 934 0.06 -7.61 25.65
C ASN A 934 0.45 -6.27 25.01
N ILE A 935 0.54 -6.19 23.67
CA ILE A 935 0.92 -4.94 23.03
C ILE A 935 -0.07 -4.59 21.91
N GLY A 936 -0.43 -5.52 21.02
CA GLY A 936 -1.45 -5.23 20.03
C GLY A 936 -0.95 -4.33 18.92
N PRO A 937 -1.83 -3.82 18.05
CA PRO A 937 -3.30 -3.96 18.18
C PRO A 937 -3.89 -5.06 17.33
N GLN A 938 -3.05 -5.77 16.53
CA GLN A 938 -3.68 -6.69 15.56
C GLN A 938 -4.22 -7.99 16.16
N THR A 939 -5.47 -8.29 15.86
CA THR A 939 -6.06 -9.56 16.27
C THR A 939 -6.53 -10.36 15.06
N GLU A 940 -6.72 -9.71 13.91
CA GLU A 940 -7.25 -10.37 12.70
C GLU A 940 -6.17 -10.34 11.64
N PHE A 941 -5.80 -11.51 11.12
CA PHE A 941 -4.66 -11.73 10.21
C PHE A 941 -5.16 -12.25 8.88
N PRO A 942 -5.36 -11.39 7.90
CA PRO A 942 -5.84 -11.89 6.58
C PRO A 942 -4.71 -12.64 5.90
N VAL A 943 -5.06 -13.66 5.13
CA VAL A 943 -4.11 -14.46 4.35
C VAL A 943 -4.71 -14.62 2.98
N PRO A 944 -4.02 -14.24 1.91
CA PRO A 944 -4.69 -14.29 0.60
C PRO A 944 -4.86 -15.70 0.04
N GLU A 945 -6.00 -15.85 -0.71
CA GLU A 945 -6.10 -16.97 -1.63
C GLU A 945 -4.84 -17.01 -2.50
N GLY A 946 -4.29 -18.21 -2.74
CA GLY A 946 -3.00 -18.26 -3.43
C GLY A 946 -2.00 -18.78 -2.44
N ILE A 947 -1.87 -18.13 -1.28
CA ILE A 947 -1.15 -18.66 -0.15
C ILE A 947 -2.03 -19.77 0.50
N LEU A 948 -3.30 -19.45 0.72
CA LEU A 948 -4.24 -20.54 1.03
C LEU A 948 -4.73 -21.24 -0.24
N ASP A 949 -4.94 -22.55 -0.19
CA ASP A 949 -5.52 -23.36 -1.22
C ASP A 949 -6.98 -23.55 -0.87
N TYR A 950 -7.89 -22.94 -1.62
CA TYR A 950 -9.30 -22.98 -1.32
C TYR A 950 -9.95 -24.27 -1.75
N ASN A 951 -9.19 -25.18 -2.37
CA ASN A 951 -9.77 -26.49 -2.80
C ASN A 951 -8.74 -27.55 -2.56
N GLY A 952 -8.26 -27.61 -1.32
CA GLY A 952 -7.23 -28.61 -1.02
C GLY A 952 -6.79 -28.48 0.42
N ASP A 953 -5.73 -29.19 0.79
CA ASP A 953 -5.19 -29.23 2.13
C ASP A 953 -4.29 -28.03 2.34
N ASN A 954 -4.41 -27.44 3.49
CA ASN A 954 -3.50 -26.39 3.96
C ASN A 954 -2.88 -26.86 5.26
N TRP A 955 -1.74 -26.30 5.59
CA TRP A 955 -1.11 -26.54 6.91
C TRP A 955 -1.06 -25.21 7.62
N ILE A 956 -1.59 -25.15 8.82
N ILE A 956 -1.60 -25.16 8.84
CA ILE A 956 -1.62 -23.95 9.65
CA ILE A 956 -1.52 -23.90 9.58
C ILE A 956 -0.78 -24.15 10.90
C ILE A 956 -0.68 -24.17 10.79
N GLY A 957 0.05 -23.15 11.21
CA GLY A 957 0.98 -23.27 12.33
C GLY A 957 0.78 -22.12 13.26
N VAL A 958 0.87 -22.38 14.56
CA VAL A 958 0.83 -21.34 15.56
C VAL A 958 1.97 -21.62 16.56
N ALA A 959 2.91 -20.67 16.66
CA ALA A 959 3.93 -20.71 17.71
C ALA A 959 3.35 -19.95 18.90
N LEU A 960 3.58 -20.49 20.08
CA LEU A 960 3.09 -19.87 21.32
C LEU A 960 4.28 -19.71 22.25
N TRP A 961 4.62 -18.47 22.56
CA TRP A 961 5.70 -18.13 23.47
C TRP A 961 5.01 -17.53 24.70
N ALA A 962 5.02 -18.32 25.77
CA ALA A 962 4.44 -17.86 27.05
C ALA A 962 5.56 -17.12 27.80
N LEU A 963 5.35 -15.87 28.17
CA LEU A 963 6.40 -15.04 28.70
C LEU A 963 6.52 -15.13 30.22
N GLU A 964 5.49 -15.60 30.92
CA GLU A 964 5.49 -15.63 32.35
C GLU A 964 5.40 -17.07 32.83
N SER A 965 5.73 -17.21 34.10
CA SER A 965 5.96 -18.58 34.60
C SER A 965 4.69 -19.40 34.72
N ARG A 966 3.55 -18.72 34.69
CA ARG A 966 2.23 -19.29 34.71
C ARG A 966 1.83 -19.94 33.39
N GLY A 967 2.63 -19.67 32.36
CA GLY A 967 2.31 -20.13 31.02
C GLY A 967 1.31 -19.25 30.28
N ALA A 968 0.71 -19.83 29.21
CA ALA A 968 -0.21 -19.04 28.37
C ALA A 968 -0.98 -19.99 27.48
N LYS A 969 -2.07 -19.43 26.94
CA LYS A 969 -2.85 -20.16 25.93
C LYS A 969 -3.51 -19.14 25.02
N VAL A 970 -3.90 -19.59 23.86
CA VAL A 970 -4.69 -18.79 22.95
C VAL A 970 -6.14 -18.87 23.40
N PRO A 971 -6.76 -17.77 23.82
CA PRO A 971 -8.16 -17.89 24.36
C PRO A 971 -9.16 -18.30 23.29
N GLY A 972 -8.93 -17.93 22.02
CA GLY A 972 -9.87 -18.32 20.97
C GLY A 972 -9.13 -18.03 19.66
N LEU A 973 -9.41 -18.87 18.66
CA LEU A 973 -8.75 -18.72 17.37
C LEU A 973 -9.76 -19.21 16.32
N ALA A 974 -10.13 -18.35 15.36
CA ALA A 974 -11.18 -18.70 14.46
C ALA A 974 -10.81 -18.23 13.06
N LEU A 975 -11.31 -18.92 12.07
CA LEU A 975 -11.23 -18.48 10.68
C LEU A 975 -12.43 -17.62 10.42
N LYS A 976 -12.26 -16.46 9.90
CA LYS A 976 -13.37 -15.55 9.54
C LYS A 976 -13.40 -15.33 8.03
N SER A 977 -14.61 -15.24 7.50
CA SER A 977 -14.79 -14.95 6.08
C SER A 977 -15.53 -13.60 5.94
N LYS A 978 -15.23 -12.89 4.87
CA LYS A 978 -16.03 -11.71 4.52
C LYS A 978 -17.11 -12.18 3.55
N SER A 979 -18.06 -11.32 3.32
CA SER A 979 -19.18 -11.68 2.42
C SER A 979 -18.67 -12.07 1.04
N PRO A 980 -19.13 -13.18 0.49
CA PRO A 980 -18.57 -13.60 -0.80
C PRO A 980 -18.87 -12.62 -1.93
N ILE A 981 -17.89 -12.40 -2.78
CA ILE A 981 -18.10 -11.51 -3.93
C ILE A 981 -18.13 -12.35 -5.21
N LEU A 982 -19.24 -12.27 -5.93
CA LEU A 982 -19.30 -12.97 -7.21
C LEU A 982 -18.34 -12.28 -8.16
N THR A 983 -17.39 -13.05 -8.74
CA THR A 983 -16.23 -12.41 -9.32
C THR A 983 -15.98 -12.79 -10.78
N GLY A 984 -15.49 -11.79 -11.54
CA GLY A 984 -15.08 -11.92 -12.92
C GLY A 984 -13.56 -11.79 -13.04
N ARG A 985 -12.83 -11.94 -11.91
CA ARG A 985 -11.37 -11.89 -11.95
C ARG A 985 -10.78 -13.04 -12.71
N GLU A 986 -9.51 -12.93 -13.05
CA GLU A 986 -8.76 -14.07 -13.56
C GLU A 986 -8.46 -14.99 -12.39
N ARG A 987 -8.42 -16.29 -12.65
CA ARG A 987 -8.30 -17.28 -11.60
C ARG A 987 -7.00 -17.15 -10.83
N VAL A 988 -7.10 -17.44 -9.53
CA VAL A 988 -5.96 -17.39 -8.63
C VAL A 988 -5.30 -18.77 -8.55
N GLU A 989 -4.02 -18.79 -8.87
CA GLU A 989 -3.28 -20.03 -8.82
C GLU A 989 -2.62 -20.17 -7.47
N VAL A 990 -2.65 -21.38 -6.94
CA VAL A 990 -2.01 -21.63 -5.65
C VAL A 990 -0.51 -21.51 -5.78
N VAL A 991 0.08 -20.83 -4.82
CA VAL A 991 1.53 -20.71 -4.78
C VAL A 991 2.10 -22.01 -4.26
N LYS A 992 3.02 -22.59 -5.00
CA LYS A 992 3.57 -23.93 -4.72
C LYS A 992 4.76 -23.87 -3.80
N GLY A 993 4.55 -23.47 -2.55
CA GLY A 993 5.66 -23.45 -1.62
C GLY A 993 6.15 -24.87 -1.32
N PRO A 994 7.45 -25.15 -1.28
CA PRO A 994 7.94 -26.48 -0.93
C PRO A 994 7.45 -26.99 0.41
N HIS A 995 7.20 -28.32 0.41
CA HIS A 995 6.81 -28.97 1.64
C HIS A 995 8.01 -29.30 2.50
N PHE A 996 7.73 -29.72 3.75
CA PHE A 996 8.80 -30.13 4.63
C PHE A 996 9.68 -31.19 3.98
N LYS A 997 10.98 -31.08 4.18
CA LYS A 997 11.99 -32.08 3.88
C LYS A 997 12.99 -31.96 5.01
N LYS A 998 13.43 -33.09 5.55
CA LYS A 998 14.39 -33.09 6.63
C LYS A 998 15.64 -32.29 6.24
N ARG A 999 16.01 -31.36 7.13
CA ARG A 999 17.15 -30.49 6.81
C ARG A 999 18.47 -31.06 7.33
N HIS A 1000 19.43 -31.20 6.43
CA HIS A 1000 20.76 -31.70 6.84
C HIS A 1000 21.44 -30.57 7.60
N GLY A 1001 22.12 -30.94 8.66
CA GLY A 1001 22.87 -29.92 9.42
C GLY A 1001 21.99 -29.13 10.35
N ALA A 1002 20.71 -29.46 10.51
CA ALA A 1002 19.89 -28.66 11.40
C ALA A 1002 20.30 -28.87 12.85
N TYR A 1003 19.85 -27.93 13.66
CA TYR A 1003 20.11 -27.96 15.10
C TYR A 1003 18.95 -27.19 15.79
C1 NAG B . -20.69 -3.89 -1.27
C2 NAG B . -20.62 -3.70 0.27
C3 NAG B . -21.07 -2.29 0.66
C4 NAG B . -20.17 -1.27 -0.11
C5 NAG B . -20.22 -1.59 -1.63
C6 NAG B . -19.20 -0.73 -2.38
C7 NAG B . -21.15 -5.83 1.34
C8 NAG B . -22.24 -6.67 1.94
N2 NAG B . -21.54 -4.63 0.88
O3 NAG B . -20.80 -2.14 2.06
O4 NAG B . -20.78 0.01 0.04
O5 NAG B . -19.76 -2.93 -1.80
O6 NAG B . -19.47 -0.88 -3.77
O7 NAG B . -20.00 -6.25 1.14
C1 NAG B . -20.04 0.91 0.79
C2 NAG B . -20.61 2.29 0.53
C3 NAG B . -19.98 3.33 1.44
C4 NAG B . -20.11 2.89 2.90
C5 NAG B . -19.50 1.48 3.06
C6 NAG B . -19.71 0.89 4.44
C7 NAG B . -21.22 2.50 -1.84
C8 NAG B . -20.71 2.65 -3.24
N2 NAG B . -20.32 2.64 -0.87
O3 NAG B . -20.54 4.59 1.22
O4 NAG B . -19.34 3.80 3.69
O5 NAG B . -20.24 0.61 2.16
O6 NAG B . -21.07 0.96 4.83
O7 NAG B . -22.38 2.13 -1.62
C1 BMA B . -19.92 4.21 4.82
C2 BMA B . -18.96 5.09 5.62
C3 BMA B . -19.69 5.60 6.87
C4 BMA B . -20.98 6.34 6.49
C5 BMA B . -21.84 5.39 5.61
C6 BMA B . -23.14 6.00 5.15
O2 BMA B . -18.45 6.18 4.82
O3 BMA B . -18.82 6.52 7.53
O4 BMA B . -21.69 6.61 7.71
O5 BMA B . -21.08 4.98 4.44
O6 BMA B . -22.90 7.33 4.61
C1 MAN B . -22.72 7.39 3.20
C2 MAN B . -22.20 8.79 2.92
C3 MAN B . -23.30 9.79 3.36
C4 MAN B . -24.61 9.48 2.59
C5 MAN B . -25.03 8.03 2.91
C6 MAN B . -26.26 7.65 2.08
O2 MAN B . -21.95 8.91 1.53
O3 MAN B . -22.84 11.10 2.95
O4 MAN B . -25.61 10.36 3.05
O5 MAN B . -23.96 7.16 2.54
O6 MAN B . -26.74 6.36 2.50
C1 MAN B . -23.16 12.17 3.94
C2 MAN B . -22.74 13.42 3.19
C3 MAN B . -21.23 13.45 2.91
C4 MAN B . -20.51 13.24 4.24
C5 MAN B . -20.93 11.90 4.86
C6 MAN B . -20.31 11.77 6.28
O2 MAN B . -23.09 14.50 4.04
O3 MAN B . -20.86 14.68 2.34
O4 MAN B . -19.12 13.18 3.97
O5 MAN B . -22.34 11.95 5.05
O6 MAN B . -20.56 10.46 6.77
C1 MAN B . -24.42 14.98 3.58
C2 MAN B . -24.45 16.46 3.93
C3 MAN B . -24.31 16.56 5.48
C4 MAN B . -25.40 15.71 6.16
C5 MAN B . -25.15 14.25 5.72
C6 MAN B . -26.13 13.27 6.38
O2 MAN B . -25.71 17.00 3.59
O3 MAN B . -24.64 17.92 5.77
O4 MAN B . -25.26 15.77 7.54
O5 MAN B . -25.43 14.30 4.33
O6 MAN B . -27.39 13.89 6.19
C1 MAN B . -18.40 6.54 8.80
C2 MAN B . -17.91 7.96 9.22
C3 MAN B . -16.69 8.31 8.32
C4 MAN B . -15.55 7.30 8.52
C5 MAN B . -16.09 5.89 8.24
C6 MAN B . -15.01 4.90 8.82
O2 MAN B . -17.56 7.94 10.58
O3 MAN B . -16.09 9.56 8.73
O4 MAN B . -14.61 7.56 7.46
O5 MAN B . -17.33 5.64 8.89
O6 MAN B . -15.41 3.63 8.26
C1 NAG C . -5.21 -7.21 24.44
C2 NAG C . -4.49 -6.22 23.49
C3 NAG C . -3.47 -5.42 24.32
C4 NAG C . -4.16 -4.72 25.49
C5 NAG C . -5.03 -5.73 26.29
C6 NAG C . -5.87 -5.05 27.37
C7 NAG C . -4.13 -7.02 21.21
C8 NAG C . -3.49 -8.13 20.38
N2 NAG C . -3.77 -7.00 22.49
O3 NAG C . -2.81 -4.50 23.48
O4 NAG C . -3.16 -4.26 26.39
O5 NAG C . -5.87 -6.45 25.42
O6 NAG C . -6.41 -6.10 28.20
O7 NAG C . -4.94 -6.25 20.75
C1 NAG C . -2.90 -3.00 26.50
C2 NAG C . -2.05 -2.74 27.75
C3 NAG C . -1.69 -1.26 27.84
C4 NAG C . -0.99 -0.82 26.56
C5 NAG C . -1.84 -1.22 25.34
C6 NAG C . -1.22 -0.84 23.99
C7 NAG C . -2.57 -4.05 29.71
C8 NAG C . -3.64 -4.37 30.72
N2 NAG C . -2.87 -2.97 28.95
O3 NAG C . -0.79 -1.11 28.93
O4 NAG C . -0.90 0.59 26.62
O5 NAG C . -2.12 -2.61 25.37
O6 NAG C . -0.01 -1.56 23.80
O7 NAG C . -1.92 -4.96 29.19
C1 BMA C . 0.42 1.15 26.24
C2 BMA C . 0.21 2.67 26.11
C3 BMA C . 1.58 3.26 25.78
C4 BMA C . 2.66 2.81 26.78
C5 BMA C . 2.65 1.26 26.97
C6 BMA C . 3.53 0.88 28.16
O2 BMA C . -0.27 3.16 27.39
O3 BMA C . 1.63 4.68 25.76
O4 BMA C . 3.96 3.14 26.23
O5 BMA C . 1.31 0.89 27.33
O6 BMA C . 3.06 1.63 29.30
C1 MAN C . 1.07 5.24 24.56
C2 MAN C . 1.74 6.62 24.51
C3 MAN C . 1.21 7.44 25.69
C4 MAN C . -0.31 7.55 25.56
C5 MAN C . -1.03 6.18 25.50
C6 MAN C . -2.38 6.47 24.78
O2 MAN C . 1.37 7.27 23.29
O3 MAN C . 1.71 8.77 25.60
O4 MAN C . -0.73 8.34 26.62
O5 MAN C . -0.33 5.31 24.58
O6 MAN C . -3.13 5.30 24.74
C1 MAN C . 2.10 6.88 22.25
C2 MAN C . 2.23 8.15 21.42
C3 MAN C . 0.82 8.56 20.93
C4 MAN C . 0.17 7.41 20.16
C5 MAN C . 0.11 6.18 21.07
C6 MAN C . -0.43 4.97 20.30
O2 MAN C . 3.04 7.83 20.31
O3 MAN C . 0.89 9.72 20.12
O4 MAN C . -1.17 7.79 19.84
O5 MAN C . 1.45 5.87 21.52
O6 MAN C . 0.39 4.67 19.18
C1 MAN C . 4.53 7.83 20.32
C2 MAN C . 5.13 7.86 18.90
C3 MAN C . 4.81 6.52 18.19
C4 MAN C . 5.21 5.33 19.07
C5 MAN C . 4.70 5.47 20.49
C6 MAN C . 5.36 4.42 21.44
O2 MAN C . 6.53 8.09 18.98
O3 MAN C . 5.64 6.60 17.04
O4 MAN C . 4.83 4.04 18.64
O5 MAN C . 5.07 6.72 21.04
O6 MAN C . 4.68 4.65 22.68
C1 GLC C . 5.21 5.98 16.04
C2 GLC C . 6.25 6.37 15.03
C3 GLC C . 6.23 7.82 14.60
C4 GLC C . 4.81 8.24 14.27
C5 GLC C . 3.81 7.88 15.37
C6 GLC C . 2.36 8.00 14.88
O2 GLC C . 7.50 5.85 15.36
O3 GLC C . 7.00 7.89 13.39
O4 GLC C . 4.72 9.58 13.86
O5 GLC C . 3.95 6.52 15.80
O6 GLC C . 1.56 8.43 15.98
C1 GLC C . 7.97 8.42 13.02
C2 GLC C . 7.89 9.48 11.94
C3 GLC C . 8.31 9.09 10.55
C4 GLC C . 9.43 8.08 10.54
C5 GLC C . 9.02 6.91 11.46
C6 GLC C . 9.82 5.71 11.18
O2 GLC C . 6.59 10.03 11.89
O3 GLC C . 8.70 10.28 9.88
O4 GLC C . 9.67 7.57 9.24
O5 GLC C . 8.92 7.40 12.79
O6 GLC C . 10.13 4.75 12.12
C1 MAN C . 4.03 1.19 30.50
C2 MAN C . 3.32 1.93 31.65
C3 MAN C . 3.33 3.45 31.47
C4 MAN C . 4.74 3.97 31.16
C5 MAN C . 5.25 3.23 29.92
C6 MAN C . 6.63 3.74 29.49
O2 MAN C . 4.02 1.62 32.83
O3 MAN C . 2.95 4.13 32.67
O4 MAN C . 4.74 5.39 31.00
O5 MAN C . 5.28 1.83 30.24
O6 MAN C . 7.60 3.51 30.50
C1 MAN C . 8.85 3.80 30.13
C2 MAN C . 9.69 3.28 31.29
C3 MAN C . 9.25 4.04 32.56
C4 MAN C . 9.49 5.54 32.33
C5 MAN C . 8.80 6.02 31.04
C6 MAN C . 9.27 7.44 30.68
O2 MAN C . 11.07 3.59 31.04
O3 MAN C . 10.13 3.59 33.60
O4 MAN C . 8.98 6.33 33.37
O5 MAN C . 9.15 5.18 29.96
O6 MAN C . 10.22 7.23 29.64
C1 MAN C . 12.00 2.53 30.68
C2 MAN C . 13.48 2.94 30.66
C3 MAN C . 13.52 4.31 29.92
C4 MAN C . 13.20 4.00 28.44
C5 MAN C . 11.84 3.32 28.35
C6 MAN C . 11.63 2.68 26.98
O2 MAN C . 14.17 2.02 29.81
O3 MAN C . 14.87 4.75 29.91
O4 MAN C . 13.23 5.19 27.69
O5 MAN C . 11.56 2.36 29.35
O6 MAN C . 12.73 1.78 26.73
C1 MAN C . 1.67 4.90 32.50
C2 MAN C . 1.57 5.50 33.91
C3 MAN C . 1.92 4.35 34.89
C4 MAN C . 0.85 3.25 34.75
C5 MAN C . 0.91 2.73 33.32
C6 MAN C . -0.17 1.69 33.04
O2 MAN C . 0.22 5.86 34.17
O3 MAN C . 1.90 4.87 36.19
O4 MAN C . 1.06 2.22 35.70
O5 MAN C . 0.78 3.80 32.41
O6 MAN C . 0.36 0.64 32.26
C1 NAG D . -12.13 24.89 11.63
C2 NAG D . -12.02 25.56 12.99
C3 NAG D . -12.03 24.51 14.09
C4 NAG D . -13.04 23.36 13.95
C5 NAG D . -13.12 22.84 12.50
C6 NAG D . -14.30 21.91 12.23
C7 NAG D . -10.65 27.64 12.88
C8 NAG D . -9.23 28.11 12.72
N2 NAG D . -10.80 26.34 13.13
O3 NAG D . -12.00 25.11 15.36
O4 NAG D . -12.56 22.32 14.77
O5 NAG D . -13.20 23.98 11.67
O6 NAG D . -15.52 22.67 12.30
O7 NAG D . -11.49 28.51 13.14
C1 NAG D . -13.61 22.29 15.93
C2 NAG D . -13.60 20.84 16.43
C3 NAG D . -14.21 20.75 17.82
C4 NAG D . -13.58 21.78 18.77
C5 NAG D . -13.68 23.17 18.11
C6 NAG D . -13.13 24.27 19.01
C7 NAG D . -13.49 19.12 14.68
C8 NAG D . -14.18 18.08 13.83
N2 NAG D . -14.21 19.91 15.48
O3 NAG D . -14.05 19.45 18.35
O4 NAG D . -14.29 21.84 19.98
O5 NAG D . -12.99 23.15 16.86
O6 NAG D . -11.73 24.10 19.16
O7 NAG D . -12.25 19.00 14.84
C1 NAG E . 34.57 -6.21 8.09
C2 NAG E . 34.16 -7.49 7.33
C3 NAG E . 35.24 -8.06 6.44
C4 NAG E . 35.89 -7.00 5.54
C5 NAG E . 36.21 -5.77 6.41
C6 NAG E . 36.86 -4.67 5.56
C7 NAG E . 32.42 -9.10 7.97
C8 NAG E . 32.27 -10.41 8.72
N2 NAG E . 33.60 -8.51 8.17
O3 NAG E . 34.76 -9.13 5.63
O4 NAG E . 37.09 -7.55 4.98
O5 NAG E . 35.00 -5.31 7.05
O6 NAG E . 37.58 -3.72 6.30
O7 NAG E . 31.63 -8.90 7.03
C1 NAG F . 20.57 0.45 29.96
C2 NAG F . 19.90 1.61 29.21
C3 NAG F . 20.96 2.47 28.53
C4 NAG F . 22.12 2.83 29.47
C5 NAG F . 22.62 1.61 30.24
C6 NAG F . 23.67 1.98 31.29
C7 NAG F . 17.63 1.28 28.40
C8 NAG F . 16.67 0.68 27.43
N2 NAG F . 18.95 1.17 28.21
O3 NAG F . 20.25 3.62 28.09
O4 NAG F . 23.23 3.39 28.82
O5 NAG F . 21.50 1.03 30.89
O6 NAG F . 24.60 0.92 31.46
O7 NAG F . 17.15 1.66 29.44
C1 GOL G . 6.93 5.78 3.28
O1 GOL G . 7.64 5.99 4.51
C2 GOL G . 7.82 6.10 2.08
O2 GOL G . 8.82 5.14 2.03
C3 GOL G . 8.44 7.49 2.19
O3 GOL G . 9.20 7.69 0.98
C1 GOL H . -0.18 23.68 -15.44
O1 GOL H . 1.19 24.07 -15.44
C2 GOL H . -0.42 22.46 -14.58
O2 GOL H . 0.49 22.31 -13.51
C3 GOL H . -1.87 22.04 -14.41
O3 GOL H . -2.78 23.10 -14.62
#